data_1SA4
#
_entry.id   1SA4
#
_cell.length_a   178.442
_cell.length_b   178.442
_cell.length_c   64.458
_cell.angle_alpha   90.00
_cell.angle_beta   90.00
_cell.angle_gamma   120.00
#
_symmetry.space_group_name_H-M   'P 61'
#
loop_
_entity.id
_entity.type
_entity.pdbx_description
1 polymer 'Protein farnesyltransferase/geranylgeranyltransferase type I alpha subunit'
2 polymer 'Protein farnesyltransferase beta subunit'
3 branched beta-D-fructofuranose-(2-1)-alpha-D-glucopyranose
4 non-polymer 'ZINC ION'
5 non-polymer 'FARNESYL DIPHOSPHATE'
6 non-polymer 6-[(S)-AMINO(4-CHLOROPHENYL)(1-METHYL-1H-IMIDAZOL-5-YL)METHYL]-4-(3-CHLOROPHENYL)-1-METHYLQUINOLIN-2(1H)-ONE
7 water water
#
loop_
_entity_poly.entity_id
_entity_poly.type
_entity_poly.pdbx_seq_one_letter_code
_entity_poly.pdbx_strand_id
1 'polypeptide(L)'
;MAATEGVGEAAQGGEPGQPAQPPPQPHPPPPQQQHKEEMAAEAGEAVASPMDDGFVSLDSPSYVLYRDRAEWADIDPVPQ
NDGPNPVVQIIYSDKFRDVYDYFRAVLQRDERSERAFKLTRDAIELNAANYTVWHFRRVLLKSLQKDLHEEMNYITAIIE
EQPKNYQVWHHRRVLVEWLRDPSQELEFIADILNQDAKNYHAWQHRQWVIQEFKLWDNELQYVDQLLKEDVRNNSVWNQR
YFVISNTTGYNDRAVLEREVQYTLEMIKLVPHNESAWNYLKGILQDRGLSKYPNLLNQLLDLQPSHSSPYLIAFLVDIYE
DMLENQCDNKEDILNKALELCEILAKEKDTIRKEYWRYIGRSLQSKHSTENDSPTNVQQEEF
;
A
2 'polypeptide(L)'
;MASPSSFTYYCPPSSSPVWSEPLYSLRPEHARERLQDDSVETVTSIEQAKVEEKIQEVFSSYKFNHLVPRLVLQREKHFH
YLKRGLRQLTDAYECLDASRPWLCYWILHSLELLDEPIPQIVATDVCQFLELCQSPEGGFGGGPGQYPHLAPTYAAVNAL
CIIGTEEAYDIINREKLLQYLYSLKQPDGSFLMHVGGEVDVRSAYCAASVASLTNIITPDLFEGTAEWIARCQNWEGGIG
GVPGMEAHGGYTFCGLAALVILKRERSLNLKSLLQWVTSRQMRFEGGFQGRCNKLVDGCYSFWQAGLLPLLHRALHAQGD
PALSMSHWMFHQQALQEYILMCCQCPAGGLLDKPGKSRDFYHTCYCLSGLSIAQHFGSGAMLHDVVLGVPENALQPTHPV
YNIGPDKVIQATTYFLQKPVPGFEELKDETSAEPATD
;
B
#
# COMPACT_ATOMS: atom_id res chain seq x y z
N PHE A 55 1.51 4.06 37.28
CA PHE A 55 0.89 3.67 38.58
C PHE A 55 -0.31 2.76 38.41
N VAL A 56 -1.39 3.30 37.85
CA VAL A 56 -2.60 2.53 37.63
C VAL A 56 -3.01 2.55 36.15
N SER A 57 -3.36 1.38 35.64
CA SER A 57 -3.77 1.19 34.24
C SER A 57 -5.26 1.47 33.98
N LEU A 58 -5.59 1.72 32.72
CA LEU A 58 -6.96 2.01 32.30
C LEU A 58 -7.94 0.91 32.64
N ASP A 59 -7.46 -0.32 32.79
CA ASP A 59 -8.34 -1.44 33.12
C ASP A 59 -8.20 -1.89 34.57
N SER A 60 -7.32 -1.24 35.32
CA SER A 60 -7.12 -1.60 36.72
C SER A 60 -8.40 -1.35 37.53
N PRO A 61 -8.69 -2.23 38.50
CA PRO A 61 -9.90 -2.03 39.29
C PRO A 61 -9.92 -0.70 40.05
N SER A 62 -8.74 -0.19 40.42
CA SER A 62 -8.68 1.06 41.16
C SER A 62 -8.44 2.30 40.30
N TYR A 63 -8.61 2.17 38.98
CA TYR A 63 -8.42 3.31 38.09
C TYR A 63 -9.45 4.39 38.40
N VAL A 64 -9.01 5.64 38.43
CA VAL A 64 -9.89 6.77 38.69
C VAL A 64 -9.84 7.74 37.51
N LEU A 65 -10.99 8.27 37.10
CA LEU A 65 -11.04 9.22 36.00
C LEU A 65 -10.26 10.47 36.41
N TYR A 66 -9.60 11.10 35.45
CA TYR A 66 -8.83 12.29 35.73
C TYR A 66 -9.65 13.42 36.31
N ARG A 67 -10.91 13.54 35.90
CA ARG A 67 -11.75 14.60 36.43
C ARG A 67 -12.04 14.38 37.93
N ASP A 68 -11.68 13.21 38.43
CA ASP A 68 -11.90 12.87 39.85
C ASP A 68 -10.61 12.81 40.66
N ARG A 69 -9.48 13.06 40.03
CA ARG A 69 -8.19 13.02 40.72
C ARG A 69 -7.85 14.38 41.34
N ALA A 70 -7.57 14.38 42.63
CA ALA A 70 -7.25 15.61 43.34
C ALA A 70 -5.98 16.27 42.82
N GLU A 71 -5.02 15.47 42.39
CA GLU A 71 -3.77 16.01 41.88
C GLU A 71 -3.95 16.68 40.51
N TRP A 72 -5.16 16.56 39.96
CA TRP A 72 -5.46 17.17 38.66
C TRP A 72 -6.53 18.25 38.78
N ALA A 73 -6.98 18.52 40.00
CA ALA A 73 -8.03 19.51 40.24
C ALA A 73 -7.71 20.93 39.80
N ASP A 74 -6.42 21.30 39.85
CA ASP A 74 -5.99 22.64 39.49
C ASP A 74 -6.04 22.98 38.00
N ILE A 75 -6.19 21.98 37.14
CA ILE A 75 -6.23 22.25 35.71
C ILE A 75 -7.58 21.88 35.10
N ASP A 76 -8.12 22.80 34.29
CA ASP A 76 -9.40 22.58 33.64
C ASP A 76 -9.26 21.79 32.35
N PRO A 77 -10.12 20.76 32.18
CA PRO A 77 -10.06 19.94 30.98
C PRO A 77 -10.48 20.76 29.75
N VAL A 78 -9.96 20.40 28.58
CA VAL A 78 -10.29 21.10 27.35
C VAL A 78 -11.05 20.15 26.43
N PRO A 79 -12.36 20.36 26.29
CA PRO A 79 -13.17 19.51 25.41
C PRO A 79 -12.81 19.66 23.93
N GLN A 80 -13.09 18.63 23.16
CA GLN A 80 -12.81 18.65 21.74
C GLN A 80 -13.92 19.41 21.02
N ASN A 81 -13.56 20.41 20.23
CA ASN A 81 -14.56 21.18 19.50
C ASN A 81 -14.75 20.62 18.09
N ASP A 82 -15.86 19.90 17.89
CA ASP A 82 -16.17 19.33 16.59
C ASP A 82 -17.13 20.20 15.79
N GLY A 83 -17.40 21.39 16.28
CA GLY A 83 -18.31 22.29 15.58
C GLY A 83 -19.75 22.01 15.92
N PRO A 84 -20.68 22.90 15.52
CA PRO A 84 -22.11 22.74 15.79
C PRO A 84 -22.78 21.54 15.13
N ASN A 85 -22.38 21.23 13.89
CA ASN A 85 -22.97 20.10 13.17
C ASN A 85 -21.86 19.13 12.75
N PRO A 86 -21.33 18.37 13.72
CA PRO A 86 -20.25 17.40 13.52
C PRO A 86 -20.48 16.29 12.49
N VAL A 87 -19.37 15.83 11.93
CA VAL A 87 -19.36 14.75 10.95
C VAL A 87 -18.36 13.72 11.46
N VAL A 88 -18.48 12.48 10.98
CA VAL A 88 -17.62 11.38 11.42
C VAL A 88 -17.32 11.51 12.91
N GLN A 89 -18.38 11.84 13.66
CA GLN A 89 -18.29 12.02 15.10
C GLN A 89 -18.30 10.68 15.84
N ILE A 90 -17.23 10.45 16.58
CA ILE A 90 -17.06 9.22 17.35
C ILE A 90 -17.69 9.40 18.73
N ILE A 91 -18.63 8.53 19.09
CA ILE A 91 -19.27 8.62 20.40
C ILE A 91 -18.34 7.94 21.40
N TYR A 92 -17.36 8.70 21.89
CA TYR A 92 -16.37 8.19 22.83
C TYR A 92 -16.90 7.67 24.15
N SER A 93 -16.19 6.70 24.72
CA SER A 93 -16.56 6.17 26.02
C SER A 93 -16.22 7.29 27.00
N ASP A 94 -16.73 7.21 28.22
CA ASP A 94 -16.46 8.23 29.23
C ASP A 94 -14.97 8.28 29.56
N LYS A 95 -14.34 7.12 29.66
CA LYS A 95 -12.90 7.04 29.98
C LYS A 95 -12.03 7.62 28.86
N PHE A 96 -12.39 7.34 27.62
CA PHE A 96 -11.62 7.84 26.48
C PHE A 96 -11.65 9.36 26.48
N ARG A 97 -12.85 9.93 26.52
CA ARG A 97 -13.02 11.38 26.51
C ARG A 97 -12.32 12.04 27.70
N ASP A 98 -12.46 11.43 28.87
CA ASP A 98 -11.85 11.95 30.07
C ASP A 98 -10.34 12.15 29.90
N VAL A 99 -9.66 11.10 29.45
CA VAL A 99 -8.22 11.18 29.25
C VAL A 99 -7.83 12.23 28.20
N TYR A 100 -8.55 12.26 27.08
CA TYR A 100 -8.20 13.22 26.03
C TYR A 100 -8.57 14.67 26.35
N ASP A 101 -9.58 14.87 27.20
CA ASP A 101 -9.95 16.23 27.58
C ASP A 101 -8.80 16.81 28.40
N TYR A 102 -8.14 15.97 29.19
CA TYR A 102 -7.02 16.44 30.00
C TYR A 102 -5.74 16.50 29.17
N PHE A 103 -5.60 15.59 28.20
CA PHE A 103 -4.43 15.63 27.35
C PHE A 103 -4.45 16.95 26.61
N ARG A 104 -5.60 17.31 26.07
CA ARG A 104 -5.75 18.58 25.34
C ARG A 104 -5.40 19.75 26.24
N ALA A 105 -5.68 19.63 27.53
CA ALA A 105 -5.38 20.70 28.48
C ALA A 105 -3.88 20.88 28.68
N VAL A 106 -3.16 19.77 28.93
CA VAL A 106 -1.73 19.87 29.13
C VAL A 106 -1.01 20.27 27.86
N LEU A 107 -1.50 19.80 26.71
CA LEU A 107 -0.91 20.15 25.43
C LEU A 107 -1.07 21.63 25.16
N GLN A 108 -2.27 22.15 25.44
CA GLN A 108 -2.56 23.56 25.23
C GLN A 108 -1.72 24.46 26.13
N ARG A 109 -1.44 23.98 27.34
CA ARG A 109 -0.65 24.74 28.30
C ARG A 109 0.82 24.36 28.22
N ASP A 110 1.13 23.42 27.31
CA ASP A 110 2.49 22.93 27.12
C ASP A 110 3.16 22.65 28.47
N GLU A 111 2.44 21.92 29.33
CA GLU A 111 2.94 21.56 30.64
C GLU A 111 3.90 20.39 30.60
N ARG A 112 5.18 20.66 30.87
CA ARG A 112 6.20 19.62 30.87
C ARG A 112 6.30 19.09 32.30
N SER A 113 5.40 18.19 32.66
CA SER A 113 5.38 17.64 34.01
C SER A 113 5.34 16.12 34.06
N GLU A 114 5.56 15.60 35.26
CA GLU A 114 5.54 14.16 35.48
C GLU A 114 4.10 13.66 35.34
N ARG A 115 3.13 14.45 35.80
CA ARG A 115 1.74 14.03 35.70
C ARG A 115 1.31 13.99 34.24
N ALA A 116 1.79 14.94 33.45
CA ALA A 116 1.45 14.96 32.03
C ALA A 116 2.07 13.73 31.36
N PHE A 117 3.30 13.41 31.77
CA PHE A 117 4.01 12.26 31.23
C PHE A 117 3.24 10.96 31.48
N LYS A 118 2.77 10.78 32.71
CA LYS A 118 2.01 9.57 33.04
C LYS A 118 0.70 9.54 32.26
N LEU A 119 0.13 10.72 32.01
CA LEU A 119 -1.11 10.83 31.28
C LEU A 119 -0.97 10.32 29.84
N THR A 120 0.14 10.66 29.19
CA THR A 120 0.35 10.20 27.81
C THR A 120 0.30 8.69 27.72
N ARG A 121 0.73 8.00 28.78
CA ARG A 121 0.70 6.54 28.77
C ARG A 121 -0.75 6.03 28.65
N ASP A 122 -1.68 6.70 29.32
CA ASP A 122 -3.08 6.30 29.25
C ASP A 122 -3.66 6.67 27.89
N ALA A 123 -3.27 7.84 27.37
CA ALA A 123 -3.75 8.29 26.09
C ALA A 123 -3.31 7.31 25.01
N ILE A 124 -2.08 6.81 25.14
CA ILE A 124 -1.53 5.86 24.18
C ILE A 124 -2.28 4.53 24.25
N GLU A 125 -2.58 4.06 25.46
CA GLU A 125 -3.31 2.80 25.60
C GLU A 125 -4.68 2.91 24.94
N LEU A 126 -5.29 4.09 25.02
CA LEU A 126 -6.61 4.32 24.42
C LEU A 126 -6.55 4.39 22.89
N ASN A 127 -5.45 4.90 22.36
CA ASN A 127 -5.27 4.98 20.91
C ASN A 127 -3.79 5.15 20.61
N ALA A 128 -3.11 4.03 20.40
CA ALA A 128 -1.68 4.05 20.12
C ALA A 128 -1.32 4.69 18.79
N ALA A 129 -2.33 4.98 17.95
CA ALA A 129 -2.07 5.60 16.66
C ALA A 129 -2.12 7.13 16.72
N ASN A 130 -2.31 7.68 17.92
CA ASN A 130 -2.36 9.14 18.04
C ASN A 130 -0.92 9.67 18.11
N TYR A 131 -0.41 10.05 16.95
CA TYR A 131 0.96 10.56 16.82
C TYR A 131 1.21 11.85 17.58
N THR A 132 0.16 12.62 17.83
CA THR A 132 0.32 13.87 18.57
C THR A 132 0.72 13.54 20.02
N VAL A 133 0.08 12.52 20.59
CA VAL A 133 0.40 12.13 21.95
C VAL A 133 1.84 11.63 21.99
N TRP A 134 2.20 10.76 21.05
CA TRP A 134 3.56 10.23 20.99
C TRP A 134 4.61 11.33 20.91
N HIS A 135 4.34 12.34 20.08
CA HIS A 135 5.27 13.45 19.93
C HIS A 135 5.46 14.16 21.27
N PHE A 136 4.34 14.46 21.91
CA PHE A 136 4.39 15.15 23.20
C PHE A 136 5.16 14.31 24.22
N ARG A 137 4.94 13.00 24.22
CA ARG A 137 5.63 12.13 25.17
C ARG A 137 7.14 12.26 24.98
N ARG A 138 7.60 12.31 23.74
CA ARG A 138 9.03 12.45 23.46
C ARG A 138 9.54 13.81 23.93
N VAL A 139 8.70 14.84 23.80
CA VAL A 139 9.07 16.17 24.27
C VAL A 139 9.28 16.11 25.79
N LEU A 140 8.41 15.36 26.46
CA LEU A 140 8.48 15.21 27.91
C LEU A 140 9.68 14.36 28.33
N LEU A 141 9.95 13.29 27.58
CA LEU A 141 11.09 12.43 27.89
C LEU A 141 12.36 13.26 28.00
N LYS A 142 12.50 14.22 27.10
CA LYS A 142 13.68 15.09 27.10
C LYS A 142 13.60 16.16 28.19
N SER A 143 12.48 16.87 28.27
CA SER A 143 12.30 17.91 29.27
C SER A 143 12.45 17.42 30.70
N LEU A 144 11.95 16.22 30.98
CA LEU A 144 12.02 15.65 32.32
C LEU A 144 13.25 14.77 32.50
N GLN A 145 14.05 14.64 31.45
CA GLN A 145 15.25 13.81 31.51
C GLN A 145 14.92 12.42 32.04
N LYS A 146 13.89 11.80 31.48
CA LYS A 146 13.47 10.47 31.88
C LYS A 146 14.51 9.43 31.51
N ASP A 147 14.55 8.34 32.28
CA ASP A 147 15.49 7.26 32.01
C ASP A 147 15.06 6.56 30.72
N LEU A 148 15.87 6.69 29.68
CA LEU A 148 15.55 6.10 28.39
C LEU A 148 15.55 4.57 28.37
N HIS A 149 16.31 3.93 29.24
CA HIS A 149 16.33 2.47 29.28
C HIS A 149 15.00 2.01 29.85
N GLU A 150 14.42 2.84 30.71
CA GLU A 150 13.13 2.52 31.30
C GLU A 150 12.08 2.65 30.18
N GLU A 151 12.21 3.70 29.39
CA GLU A 151 11.28 3.93 28.28
C GLU A 151 11.41 2.80 27.26
N MET A 152 12.62 2.26 27.12
CA MET A 152 12.84 1.15 26.19
C MET A 152 12.05 -0.08 26.61
N ASN A 153 11.99 -0.32 27.92
CA ASN A 153 11.25 -1.47 28.44
C ASN A 153 9.77 -1.27 28.16
N TYR A 154 9.34 -0.02 28.24
CA TYR A 154 7.94 0.34 27.99
C TYR A 154 7.57 0.09 26.52
N ILE A 155 8.37 0.64 25.61
CA ILE A 155 8.10 0.49 24.19
C ILE A 155 8.13 -0.97 23.75
N THR A 156 8.97 -1.76 24.42
CA THR A 156 9.09 -3.18 24.12
C THR A 156 7.76 -3.87 24.37
N ALA A 157 7.14 -3.57 25.51
CA ALA A 157 5.86 -4.17 25.85
C ALA A 157 4.77 -3.67 24.91
N ILE A 158 4.80 -2.39 24.58
CA ILE A 158 3.80 -1.81 23.68
C ILE A 158 3.83 -2.44 22.29
N ILE A 159 5.02 -2.56 21.70
CA ILE A 159 5.16 -3.15 20.38
C ILE A 159 4.70 -4.62 20.39
N GLU A 160 5.01 -5.33 21.48
CA GLU A 160 4.60 -6.74 21.59
C GLU A 160 3.06 -6.82 21.48
N GLU A 161 2.38 -5.85 22.06
CA GLU A 161 0.93 -5.80 22.05
C GLU A 161 0.35 -5.31 20.71
N GLN A 162 1.00 -4.31 20.12
CA GLN A 162 0.54 -3.74 18.85
C GLN A 162 1.70 -3.60 17.88
N PRO A 163 2.18 -4.72 17.31
CA PRO A 163 3.30 -4.74 16.35
C PRO A 163 3.03 -4.16 14.96
N LYS A 164 1.77 -3.96 14.61
CA LYS A 164 1.43 -3.39 13.30
C LYS A 164 0.96 -1.95 13.46
N ASN A 165 1.85 -1.11 13.94
CA ASN A 165 1.55 0.30 14.20
C ASN A 165 2.80 1.09 13.86
N TYR A 166 2.66 2.17 13.11
CA TYR A 166 3.80 2.99 12.72
C TYR A 166 4.44 3.76 13.86
N GLN A 167 3.63 4.37 14.71
CA GLN A 167 4.12 5.17 15.82
C GLN A 167 4.99 4.43 16.84
N VAL A 168 4.61 3.21 17.22
CA VAL A 168 5.39 2.48 18.21
C VAL A 168 6.78 2.12 17.70
N TRP A 169 6.89 1.78 16.43
CA TRP A 169 8.21 1.44 15.89
C TRP A 169 9.07 2.70 15.74
N HIS A 170 8.45 3.81 15.35
CA HIS A 170 9.20 5.05 15.20
C HIS A 170 9.72 5.51 16.57
N HIS A 171 8.90 5.37 17.59
CA HIS A 171 9.29 5.76 18.94
C HIS A 171 10.51 4.96 19.36
N ARG A 172 10.49 3.65 19.11
CA ARG A 172 11.62 2.80 19.47
C ARG A 172 12.88 3.22 18.71
N ARG A 173 12.74 3.56 17.45
CA ARG A 173 13.89 3.98 16.67
C ARG A 173 14.48 5.25 17.26
N VAL A 174 13.63 6.20 17.64
CA VAL A 174 14.11 7.45 18.22
C VAL A 174 14.90 7.16 19.50
N LEU A 175 14.39 6.25 20.34
CA LEU A 175 15.06 5.91 21.58
C LEU A 175 16.44 5.31 21.31
N VAL A 176 16.52 4.39 20.36
CA VAL A 176 17.80 3.77 20.02
C VAL A 176 18.76 4.82 19.48
N GLU A 177 18.23 5.79 18.73
CA GLU A 177 19.04 6.86 18.19
C GLU A 177 19.57 7.76 19.31
N TRP A 178 18.71 8.06 20.29
CA TRP A 178 19.11 8.90 21.42
C TRP A 178 20.15 8.22 22.29
N LEU A 179 19.99 6.92 22.49
CA LEU A 179 20.91 6.14 23.30
C LEU A 179 22.14 5.67 22.54
N ARG A 180 22.01 5.55 21.22
CA ARG A 180 23.12 5.06 20.40
C ARG A 180 23.42 3.64 20.90
N ASP A 181 22.37 2.96 21.36
CA ASP A 181 22.50 1.60 21.90
C ASP A 181 21.56 0.61 21.22
N PRO A 182 22.10 -0.21 20.31
CA PRO A 182 21.33 -1.21 19.56
C PRO A 182 21.47 -2.62 20.13
N SER A 183 22.08 -2.72 21.30
CA SER A 183 22.32 -4.02 21.94
C SER A 183 21.11 -4.95 22.10
N GLN A 184 19.92 -4.39 22.20
CA GLN A 184 18.70 -5.20 22.39
C GLN A 184 17.89 -5.43 21.11
N GLU A 185 18.17 -4.62 20.08
CA GLU A 185 17.42 -4.69 18.84
C GLU A 185 17.25 -6.02 18.10
N LEU A 186 18.32 -6.65 17.67
CA LEU A 186 18.22 -7.90 16.93
C LEU A 186 17.46 -8.99 17.68
N GLU A 187 17.64 -9.08 18.99
CA GLU A 187 16.95 -10.10 19.76
C GLU A 187 15.45 -9.76 19.89
N PHE A 188 15.15 -8.50 20.18
CA PHE A 188 13.76 -8.07 20.30
C PHE A 188 13.01 -8.28 18.98
N ILE A 189 13.61 -7.85 17.88
CA ILE A 189 12.97 -8.00 16.58
C ILE A 189 12.74 -9.47 16.28
N ALA A 190 13.74 -10.30 16.57
CA ALA A 190 13.63 -11.73 16.33
C ALA A 190 12.41 -12.31 17.05
N ASP A 191 12.11 -11.77 18.22
CA ASP A 191 10.96 -12.24 18.99
C ASP A 191 9.65 -11.84 18.30
N ILE A 192 9.61 -10.62 17.79
CA ILE A 192 8.42 -10.15 17.08
C ILE A 192 8.22 -11.00 15.83
N LEU A 193 9.31 -11.23 15.10
CA LEU A 193 9.25 -12.02 13.87
C LEU A 193 8.91 -13.47 14.15
N ASN A 194 9.19 -13.92 15.37
CA ASN A 194 8.88 -15.29 15.74
C ASN A 194 7.36 -15.44 15.82
N GLN A 195 6.66 -14.32 16.04
CA GLN A 195 5.20 -14.33 16.13
C GLN A 195 4.56 -14.07 14.76
N ASP A 196 5.23 -13.25 13.95
CA ASP A 196 4.77 -12.91 12.61
C ASP A 196 6.04 -12.70 11.79
N ALA A 197 6.45 -13.74 11.08
CA ALA A 197 7.69 -13.70 10.29
C ALA A 197 7.71 -12.71 9.12
N LYS A 198 6.61 -12.04 8.86
CA LYS A 198 6.56 -11.09 7.74
C LYS A 198 6.22 -9.66 8.15
N ASN A 199 6.15 -9.40 9.44
CA ASN A 199 5.82 -8.05 9.92
C ASN A 199 6.72 -7.02 9.21
N TYR A 200 6.10 -6.20 8.37
CA TYR A 200 6.82 -5.20 7.58
C TYR A 200 7.63 -4.21 8.42
N HIS A 201 7.01 -3.67 9.47
CA HIS A 201 7.67 -2.71 10.35
C HIS A 201 8.88 -3.33 11.03
N ALA A 202 8.74 -4.60 11.44
CA ALA A 202 9.82 -5.30 12.11
C ALA A 202 11.03 -5.43 11.19
N TRP A 203 10.80 -5.86 9.96
CA TRP A 203 11.90 -6.02 9.01
C TRP A 203 12.54 -4.67 8.67
N GLN A 204 11.72 -3.63 8.54
CA GLN A 204 12.23 -2.30 8.21
C GLN A 204 13.11 -1.78 9.35
N HIS A 205 12.67 -1.98 10.58
CA HIS A 205 13.43 -1.54 11.73
C HIS A 205 14.73 -2.33 11.81
N ARG A 206 14.67 -3.62 11.46
CA ARG A 206 15.84 -4.49 11.48
C ARG A 206 16.90 -4.01 10.49
N GLN A 207 16.48 -3.66 9.27
CA GLN A 207 17.42 -3.19 8.26
C GLN A 207 18.07 -1.89 8.71
N TRP A 208 17.28 -1.02 9.32
CA TRP A 208 17.81 0.26 9.79
C TRP A 208 18.92 0.05 10.83
N VAL A 209 18.62 -0.74 11.86
CA VAL A 209 19.58 -1.03 12.92
C VAL A 209 20.88 -1.64 12.38
N ILE A 210 20.72 -2.66 11.55
CA ILE A 210 21.87 -3.34 10.96
C ILE A 210 22.74 -2.38 10.18
N GLN A 211 22.13 -1.56 9.33
CA GLN A 211 22.87 -0.61 8.52
C GLN A 211 23.43 0.56 9.32
N GLU A 212 22.64 1.08 10.25
CA GLU A 212 23.07 2.22 11.06
C GLU A 212 24.19 1.86 12.04
N PHE A 213 24.14 0.66 12.61
CA PHE A 213 25.16 0.27 13.57
C PHE A 213 26.11 -0.81 13.06
N LYS A 214 26.04 -1.08 11.76
CA LYS A 214 26.91 -2.07 11.12
C LYS A 214 26.90 -3.43 11.82
N LEU A 215 25.72 -4.03 11.95
CA LEU A 215 25.59 -5.34 12.58
C LEU A 215 25.29 -6.41 11.54
N TRP A 216 26.17 -6.53 10.55
CA TRP A 216 26.00 -7.47 9.45
C TRP A 216 26.44 -8.91 9.72
N ASP A 217 27.43 -9.05 10.60
CA ASP A 217 28.02 -10.34 10.95
C ASP A 217 27.18 -11.61 11.00
N ASN A 218 26.02 -11.58 11.63
CA ASN A 218 25.22 -12.79 11.74
C ASN A 218 23.89 -12.82 11.00
N GLU A 219 23.59 -11.78 10.22
CA GLU A 219 22.30 -11.74 9.53
C GLU A 219 22.07 -12.80 8.46
N LEU A 220 23.10 -13.18 7.72
CA LEU A 220 22.93 -14.19 6.68
C LEU A 220 22.56 -15.53 7.32
N GLN A 221 23.10 -15.79 8.51
CA GLN A 221 22.79 -17.03 9.22
C GLN A 221 21.33 -16.97 9.65
N TYR A 222 20.90 -15.78 10.09
CA TYR A 222 19.52 -15.58 10.53
C TYR A 222 18.58 -15.81 9.34
N VAL A 223 18.98 -15.26 8.19
CA VAL A 223 18.19 -15.41 6.97
C VAL A 223 18.05 -16.90 6.63
N ASP A 224 19.16 -17.63 6.68
CA ASP A 224 19.13 -19.05 6.38
C ASP A 224 18.22 -19.84 7.31
N GLN A 225 18.19 -19.46 8.58
CA GLN A 225 17.33 -20.16 9.53
C GLN A 225 15.86 -19.95 9.20
N LEU A 226 15.48 -18.71 8.90
CA LEU A 226 14.09 -18.41 8.57
C LEU A 226 13.65 -19.03 7.25
N LEU A 227 14.58 -19.15 6.30
CA LEU A 227 14.24 -19.76 5.02
C LEU A 227 13.99 -21.26 5.22
N LYS A 228 14.69 -21.84 6.18
CA LYS A 228 14.52 -23.26 6.47
C LYS A 228 13.13 -23.46 7.06
N GLU A 229 12.69 -22.51 7.87
CA GLU A 229 11.37 -22.58 8.49
C GLU A 229 10.27 -22.38 7.44
N ASP A 230 10.43 -21.36 6.59
CA ASP A 230 9.46 -21.11 5.54
C ASP A 230 10.19 -20.52 4.33
N VAL A 231 10.54 -21.40 3.39
CA VAL A 231 11.26 -20.99 2.19
C VAL A 231 10.41 -20.09 1.29
N ARG A 232 9.13 -19.96 1.62
CA ARG A 232 8.22 -19.10 0.84
C ARG A 232 8.12 -17.69 1.43
N ASN A 233 8.85 -17.44 2.51
CA ASN A 233 8.80 -16.12 3.15
C ASN A 233 9.53 -15.08 2.29
N ASN A 234 8.77 -14.33 1.50
CA ASN A 234 9.36 -13.33 0.63
C ASN A 234 10.14 -12.25 1.38
N SER A 235 9.74 -11.96 2.62
CA SER A 235 10.44 -10.94 3.39
C SER A 235 11.88 -11.38 3.69
N VAL A 236 12.07 -12.69 3.86
CA VAL A 236 13.40 -13.21 4.14
C VAL A 236 14.29 -13.20 2.90
N TRP A 237 13.70 -13.47 1.74
CA TRP A 237 14.47 -13.42 0.50
C TRP A 237 14.91 -11.98 0.25
N ASN A 238 14.08 -11.03 0.66
CA ASN A 238 14.41 -9.62 0.48
C ASN A 238 15.59 -9.28 1.40
N GLN A 239 15.54 -9.82 2.62
CA GLN A 239 16.60 -9.57 3.59
C GLN A 239 17.90 -10.18 3.08
N ARG A 240 17.79 -11.29 2.35
CA ARG A 240 18.96 -11.97 1.81
C ARG A 240 19.67 -11.02 0.83
N TYR A 241 18.91 -10.43 -0.08
CA TYR A 241 19.49 -9.50 -1.05
C TYR A 241 20.07 -8.29 -0.31
N PHE A 242 19.36 -7.84 0.71
CA PHE A 242 19.78 -6.69 1.51
C PHE A 242 21.16 -6.94 2.13
N VAL A 243 21.31 -8.09 2.76
CA VAL A 243 22.56 -8.45 3.42
C VAL A 243 23.74 -8.61 2.45
N ILE A 244 23.53 -9.38 1.39
CA ILE A 244 24.59 -9.62 0.41
C ILE A 244 25.01 -8.37 -0.37
N SER A 245 24.04 -7.62 -0.88
CA SER A 245 24.36 -6.42 -1.64
C SER A 245 25.13 -5.40 -0.81
N ASN A 246 24.93 -5.41 0.51
CA ASN A 246 25.61 -4.46 1.39
C ASN A 246 26.91 -4.99 2.01
N THR A 247 27.18 -6.27 1.86
CA THR A 247 28.40 -6.84 2.43
C THR A 247 29.40 -7.19 1.32
N THR A 248 29.28 -8.37 0.74
CA THR A 248 30.18 -8.80 -0.33
C THR A 248 29.79 -8.25 -1.70
N GLY A 249 28.50 -7.98 -1.89
CA GLY A 249 28.05 -7.50 -3.17
C GLY A 249 27.86 -8.71 -4.06
N TYR A 250 27.29 -8.53 -5.25
CA TYR A 250 27.08 -9.65 -6.17
C TYR A 250 28.08 -9.67 -7.33
N ASN A 251 28.98 -8.69 -7.35
CA ASN A 251 29.97 -8.62 -8.41
C ASN A 251 31.03 -9.72 -8.27
N ASP A 252 31.21 -10.20 -7.04
CA ASP A 252 32.15 -11.29 -6.79
C ASP A 252 31.51 -12.52 -7.43
N ARG A 253 32.09 -13.01 -8.52
CA ARG A 253 31.54 -14.16 -9.22
C ARG A 253 31.38 -15.41 -8.38
N ALA A 254 32.21 -15.57 -7.35
CA ALA A 254 32.11 -16.73 -6.46
C ALA A 254 30.83 -16.62 -5.63
N VAL A 255 30.52 -15.41 -5.17
CA VAL A 255 29.32 -15.17 -4.38
C VAL A 255 28.08 -15.36 -5.25
N LEU A 256 28.11 -14.82 -6.47
CA LEU A 256 26.98 -14.94 -7.38
C LEU A 256 26.70 -16.42 -7.67
N GLU A 257 27.75 -17.18 -7.94
CA GLU A 257 27.61 -18.60 -8.24
C GLU A 257 26.97 -19.30 -7.06
N ARG A 258 27.45 -18.99 -5.86
CA ARG A 258 26.91 -19.58 -4.63
C ARG A 258 25.42 -19.28 -4.51
N GLU A 259 25.04 -18.05 -4.83
CA GLU A 259 23.64 -17.64 -4.74
C GLU A 259 22.75 -18.28 -5.79
N VAL A 260 23.27 -18.41 -7.01
CA VAL A 260 22.50 -19.03 -8.07
C VAL A 260 22.28 -20.52 -7.77
N GLN A 261 23.32 -21.19 -7.26
CA GLN A 261 23.20 -22.61 -6.92
C GLN A 261 22.22 -22.80 -5.76
N TYR A 262 22.33 -21.94 -4.77
CA TYR A 262 21.45 -22.01 -3.60
C TYR A 262 19.99 -21.87 -4.07
N THR A 263 19.74 -20.83 -4.85
CA THR A 263 18.40 -20.56 -5.34
C THR A 263 17.86 -21.69 -6.21
N LEU A 264 18.69 -22.18 -7.14
CA LEU A 264 18.27 -23.29 -8.01
C LEU A 264 17.89 -24.49 -7.17
N GLU A 265 18.66 -24.73 -6.12
CA GLU A 265 18.40 -25.86 -5.23
C GLU A 265 17.04 -25.68 -4.55
N MET A 266 16.73 -24.45 -4.14
CA MET A 266 15.45 -24.20 -3.49
C MET A 266 14.31 -24.39 -4.49
N ILE A 267 14.55 -23.98 -5.73
CA ILE A 267 13.54 -24.12 -6.77
C ILE A 267 13.24 -25.60 -7.02
N LYS A 268 14.28 -26.42 -7.00
CA LYS A 268 14.09 -27.85 -7.22
C LYS A 268 13.26 -28.45 -6.08
N LEU A 269 13.47 -27.97 -4.87
CA LEU A 269 12.73 -28.46 -3.70
C LEU A 269 11.25 -28.03 -3.73
N VAL A 270 11.01 -26.79 -4.14
CA VAL A 270 9.65 -26.24 -4.21
C VAL A 270 9.51 -25.48 -5.52
N PRO A 271 9.30 -26.21 -6.63
CA PRO A 271 9.15 -25.66 -7.98
C PRO A 271 8.16 -24.51 -8.15
N HIS A 272 7.08 -24.50 -7.36
CA HIS A 272 6.08 -23.45 -7.48
C HIS A 272 6.17 -22.31 -6.46
N ASN A 273 7.32 -22.18 -5.81
CA ASN A 273 7.52 -21.10 -4.86
C ASN A 273 8.03 -19.90 -5.67
N GLU A 274 7.16 -18.91 -5.86
CA GLU A 274 7.53 -17.73 -6.64
C GLU A 274 8.71 -16.92 -6.12
N SER A 275 8.84 -16.81 -4.80
CA SER A 275 9.93 -16.02 -4.22
C SER A 275 11.33 -16.41 -4.71
N ALA A 276 11.59 -17.71 -4.77
CA ALA A 276 12.90 -18.19 -5.24
C ALA A 276 13.13 -17.79 -6.69
N TRP A 277 12.10 -17.95 -7.53
CA TRP A 277 12.21 -17.58 -8.94
C TRP A 277 12.47 -16.09 -9.08
N ASN A 278 11.79 -15.28 -8.26
CA ASN A 278 11.96 -13.84 -8.33
C ASN A 278 13.36 -13.42 -7.89
N TYR A 279 13.90 -14.13 -6.90
CA TYR A 279 15.24 -13.83 -6.40
C TYR A 279 16.27 -14.18 -7.48
N LEU A 280 16.06 -15.31 -8.15
CA LEU A 280 16.96 -15.74 -9.21
C LEU A 280 17.03 -14.67 -10.30
N LYS A 281 15.88 -14.17 -10.71
CA LYS A 281 15.86 -13.13 -11.73
C LYS A 281 16.42 -11.83 -11.18
N GLY A 282 16.13 -11.55 -9.90
CA GLY A 282 16.60 -10.34 -9.28
C GLY A 282 18.11 -10.15 -9.21
N ILE A 283 18.86 -11.24 -9.01
CA ILE A 283 20.31 -11.13 -8.92
C ILE A 283 21.04 -11.22 -10.26
N LEU A 284 20.29 -11.48 -11.34
CA LEU A 284 20.90 -11.59 -12.66
C LEU A 284 20.42 -10.56 -13.67
N GLN A 285 19.27 -9.94 -13.39
CA GLN A 285 18.67 -9.00 -14.31
C GLN A 285 19.47 -7.76 -14.69
N ASP A 286 20.21 -7.18 -13.75
CA ASP A 286 20.97 -5.98 -14.08
C ASP A 286 22.06 -6.22 -15.10
N ARG A 287 22.73 -7.36 -15.01
CA ARG A 287 23.77 -7.70 -15.97
C ARG A 287 23.09 -8.16 -17.26
N GLY A 288 21.91 -8.75 -17.12
CA GLY A 288 21.19 -9.24 -18.28
C GLY A 288 21.12 -10.75 -18.27
N LEU A 289 19.91 -11.29 -18.29
CA LEU A 289 19.71 -12.73 -18.26
C LEU A 289 20.41 -13.48 -19.39
N SER A 290 20.59 -12.83 -20.53
CA SER A 290 21.25 -13.47 -21.67
C SER A 290 22.75 -13.62 -21.47
N LYS A 291 23.29 -13.03 -20.40
CA LYS A 291 24.73 -13.12 -20.14
C LYS A 291 25.09 -14.41 -19.42
N TYR A 292 24.07 -15.22 -19.11
CA TYR A 292 24.28 -16.48 -18.42
C TYR A 292 23.75 -17.64 -19.25
N PRO A 293 24.47 -17.98 -20.34
CA PRO A 293 24.14 -19.05 -21.29
C PRO A 293 23.83 -20.43 -20.70
N ASN A 294 24.55 -20.81 -19.66
CA ASN A 294 24.30 -22.12 -19.07
C ASN A 294 22.96 -22.21 -18.34
N LEU A 295 22.49 -21.08 -17.82
CA LEU A 295 21.22 -21.07 -17.10
C LEU A 295 20.08 -21.47 -18.02
N LEU A 296 20.11 -20.97 -19.25
CA LEU A 296 19.07 -21.30 -20.22
C LEU A 296 18.98 -22.80 -20.46
N ASN A 297 20.13 -23.44 -20.66
CA ASN A 297 20.14 -24.89 -20.89
C ASN A 297 19.62 -25.65 -19.69
N GLN A 298 20.05 -25.26 -18.49
CA GLN A 298 19.60 -25.93 -17.29
C GLN A 298 18.09 -25.82 -17.08
N LEU A 299 17.51 -24.66 -17.37
CA LEU A 299 16.08 -24.47 -17.20
C LEU A 299 15.35 -25.22 -18.31
N LEU A 300 15.99 -25.30 -19.46
CA LEU A 300 15.43 -25.99 -20.61
C LEU A 300 15.35 -27.50 -20.33
N ASP A 301 16.29 -28.01 -19.53
CA ASP A 301 16.30 -29.43 -19.19
C ASP A 301 15.25 -29.77 -18.14
N LEU A 302 14.84 -28.78 -17.35
CA LEU A 302 13.84 -28.99 -16.31
C LEU A 302 12.43 -28.73 -16.81
N GLN A 303 12.31 -27.95 -17.88
CA GLN A 303 11.01 -27.61 -18.44
C GLN A 303 10.06 -28.79 -18.59
N PRO A 304 10.50 -29.87 -19.28
CA PRO A 304 9.65 -31.04 -19.48
C PRO A 304 9.07 -31.63 -18.19
N SER A 305 9.84 -31.57 -17.11
CA SER A 305 9.38 -32.11 -15.82
C SER A 305 8.93 -31.02 -14.84
N HIS A 306 9.15 -29.75 -15.20
CA HIS A 306 8.75 -28.65 -14.33
C HIS A 306 8.22 -27.47 -15.12
N SER A 307 7.32 -27.73 -16.07
CA SER A 307 6.75 -26.67 -16.88
C SER A 307 5.78 -25.78 -16.11
N SER A 308 6.27 -25.18 -15.04
CA SER A 308 5.44 -24.29 -14.23
C SER A 308 5.42 -22.96 -14.97
N PRO A 309 4.42 -22.12 -14.71
CA PRO A 309 4.40 -20.83 -15.41
C PRO A 309 5.62 -19.97 -15.07
N TYR A 310 6.21 -20.21 -13.91
CA TYR A 310 7.39 -19.45 -13.48
C TYR A 310 8.61 -19.78 -14.34
N LEU A 311 8.78 -21.04 -14.68
CA LEU A 311 9.91 -21.46 -15.50
C LEU A 311 9.70 -20.97 -16.93
N ILE A 312 8.46 -21.10 -17.42
CA ILE A 312 8.14 -20.68 -18.78
C ILE A 312 8.33 -19.18 -18.93
N ALA A 313 7.90 -18.43 -17.92
CA ALA A 313 8.04 -16.98 -17.93
C ALA A 313 9.51 -16.59 -17.89
N PHE A 314 10.31 -17.31 -17.12
CA PHE A 314 11.73 -17.02 -17.02
C PHE A 314 12.39 -17.20 -18.39
N LEU A 315 11.96 -18.23 -19.13
CA LEU A 315 12.50 -18.49 -20.46
C LEU A 315 12.23 -17.30 -21.39
N VAL A 316 11.02 -16.76 -21.31
CA VAL A 316 10.66 -15.61 -22.14
C VAL A 316 11.55 -14.44 -21.78
N ASP A 317 11.76 -14.25 -20.47
CA ASP A 317 12.61 -13.15 -20.00
C ASP A 317 14.02 -13.30 -20.58
N ILE A 318 14.52 -14.53 -20.60
CA ILE A 318 15.85 -14.80 -21.16
C ILE A 318 15.86 -14.46 -22.65
N TYR A 319 14.87 -14.96 -23.38
CA TYR A 319 14.78 -14.71 -24.82
C TYR A 319 14.68 -13.21 -25.11
N GLU A 320 13.92 -12.49 -24.29
CA GLU A 320 13.77 -11.05 -24.45
C GLU A 320 15.13 -10.37 -24.42
N ASP A 321 15.94 -10.74 -23.43
CA ASP A 321 17.26 -10.16 -23.27
C ASP A 321 18.20 -10.57 -24.40
N MET A 322 18.12 -11.83 -24.82
CA MET A 322 18.95 -12.32 -25.91
C MET A 322 18.72 -11.50 -27.18
N LEU A 323 17.44 -11.28 -27.50
CA LEU A 323 17.07 -10.52 -28.68
C LEU A 323 17.54 -9.07 -28.60
N GLU A 324 17.68 -8.58 -27.37
CA GLU A 324 18.10 -7.22 -27.13
C GLU A 324 19.61 -7.08 -27.26
N ASN A 325 20.30 -8.21 -27.28
CA ASN A 325 21.76 -8.22 -27.39
C ASN A 325 22.32 -8.87 -28.64
N GLN A 326 21.62 -8.70 -29.75
CA GLN A 326 22.07 -9.24 -31.02
C GLN A 326 22.46 -10.71 -30.94
N CYS A 327 21.62 -11.52 -30.31
CA CYS A 327 21.92 -12.94 -30.18
C CYS A 327 21.96 -13.56 -31.56
N ASP A 328 22.55 -14.75 -31.65
CA ASP A 328 22.64 -15.47 -32.91
C ASP A 328 21.31 -16.19 -33.13
N ASN A 329 20.91 -16.35 -34.38
CA ASN A 329 19.65 -17.02 -34.70
C ASN A 329 18.46 -16.23 -34.15
N LYS A 330 18.45 -14.93 -34.40
CA LYS A 330 17.38 -14.05 -33.92
C LYS A 330 15.99 -14.55 -34.28
N GLU A 331 15.80 -14.98 -35.53
CA GLU A 331 14.50 -15.46 -35.98
C GLU A 331 14.01 -16.65 -35.17
N ASP A 332 14.91 -17.58 -34.86
CA ASP A 332 14.57 -18.77 -34.09
C ASP A 332 14.19 -18.42 -32.65
N ILE A 333 14.96 -17.51 -32.05
CA ILE A 333 14.72 -17.08 -30.68
C ILE A 333 13.37 -16.37 -30.59
N LEU A 334 13.12 -15.49 -31.55
CA LEU A 334 11.86 -14.75 -31.58
C LEU A 334 10.66 -15.69 -31.67
N ASN A 335 10.74 -16.68 -32.57
CA ASN A 335 9.64 -17.63 -32.72
C ASN A 335 9.37 -18.40 -31.45
N LYS A 336 10.43 -18.80 -30.76
CA LYS A 336 10.29 -19.54 -29.51
C LYS A 336 9.66 -18.66 -28.43
N ALA A 337 10.09 -17.40 -28.36
CA ALA A 337 9.55 -16.48 -27.37
C ALA A 337 8.06 -16.22 -27.61
N LEU A 338 7.69 -16.01 -28.87
CA LEU A 338 6.28 -15.76 -29.20
C LEU A 338 5.42 -16.98 -28.90
N GLU A 339 5.94 -18.18 -29.15
CA GLU A 339 5.20 -19.39 -28.86
C GLU A 339 4.93 -19.51 -27.37
N LEU A 340 5.94 -19.21 -26.55
CA LEU A 340 5.79 -19.28 -25.11
C LEU A 340 4.82 -18.23 -24.60
N CYS A 341 4.87 -17.03 -25.19
CA CYS A 341 3.97 -15.96 -24.80
C CYS A 341 2.51 -16.41 -25.02
N GLU A 342 2.27 -17.09 -26.14
CA GLU A 342 0.93 -17.58 -26.47
C GLU A 342 0.51 -18.68 -25.51
N ILE A 343 1.44 -19.57 -25.18
CA ILE A 343 1.16 -20.66 -24.25
C ILE A 343 0.80 -20.09 -22.87
N LEU A 344 1.54 -19.07 -22.46
CA LEU A 344 1.29 -18.44 -21.17
C LEU A 344 -0.05 -17.72 -21.18
N ALA A 345 -0.31 -16.97 -22.26
CA ALA A 345 -1.55 -16.21 -22.36
C ALA A 345 -2.80 -17.06 -22.47
N LYS A 346 -2.69 -18.19 -23.17
CA LYS A 346 -3.84 -19.05 -23.38
C LYS A 346 -4.01 -20.23 -22.44
N GLU A 347 -2.92 -20.73 -21.86
CA GLU A 347 -3.03 -21.90 -21.01
C GLU A 347 -2.37 -21.87 -19.63
N LYS A 348 -1.07 -21.58 -19.59
CA LYS A 348 -0.30 -21.60 -18.35
C LYS A 348 -0.38 -20.40 -17.40
N ASP A 349 -0.71 -19.23 -17.91
CA ASP A 349 -0.76 -18.05 -17.05
C ASP A 349 -1.81 -17.08 -17.58
N THR A 350 -3.02 -17.60 -17.78
CA THR A 350 -4.12 -16.81 -18.32
C THR A 350 -4.52 -15.56 -17.54
N ILE A 351 -4.24 -15.53 -16.24
CA ILE A 351 -4.60 -14.35 -15.45
C ILE A 351 -3.80 -13.14 -15.97
N ARG A 352 -2.66 -13.42 -16.59
CA ARG A 352 -1.80 -12.38 -17.11
C ARG A 352 -1.81 -12.34 -18.64
N LYS A 353 -2.88 -12.82 -19.26
CA LYS A 353 -2.96 -12.83 -20.70
C LYS A 353 -2.70 -11.47 -21.35
N GLU A 354 -3.22 -10.40 -20.76
CA GLU A 354 -3.00 -9.06 -21.33
C GLU A 354 -1.51 -8.70 -21.27
N TYR A 355 -0.84 -9.09 -20.20
CA TYR A 355 0.59 -8.82 -20.08
C TYR A 355 1.36 -9.63 -21.14
N TRP A 356 1.05 -10.91 -21.26
CA TRP A 356 1.77 -11.75 -22.23
C TRP A 356 1.52 -11.36 -23.68
N ARG A 357 0.32 -10.85 -23.98
CA ARG A 357 0.03 -10.41 -25.34
C ARG A 357 0.83 -9.13 -25.61
N TYR A 358 0.96 -8.29 -24.59
CA TYR A 358 1.72 -7.06 -24.73
C TYR A 358 3.19 -7.42 -25.02
N ILE A 359 3.72 -8.38 -24.26
CA ILE A 359 5.10 -8.81 -24.45
C ILE A 359 5.28 -9.36 -25.87
N GLY A 360 4.30 -10.11 -26.36
CA GLY A 360 4.38 -10.64 -27.70
C GLY A 360 4.47 -9.54 -28.74
N ARG A 361 3.64 -8.50 -28.57
CA ARG A 361 3.66 -7.37 -29.50
C ARG A 361 4.96 -6.57 -29.37
N SER A 362 5.46 -6.39 -28.15
CA SER A 362 6.70 -5.63 -27.94
C SER A 362 7.85 -6.31 -28.66
N LEU A 363 7.95 -7.63 -28.50
CA LEU A 363 9.00 -8.41 -29.14
C LEU A 363 8.98 -8.21 -30.65
N GLN A 364 7.78 -8.22 -31.24
CA GLN A 364 7.64 -8.04 -32.67
C GLN A 364 7.96 -6.63 -33.14
N SER A 365 7.69 -5.65 -32.27
CA SER A 365 7.96 -4.26 -32.64
C SER A 365 9.46 -3.98 -32.55
N LYS A 366 10.17 -4.77 -31.76
CA LYS A 366 11.60 -4.57 -31.57
C LYS A 366 12.53 -5.48 -32.35
N HIS A 367 12.08 -6.68 -32.71
CA HIS A 367 12.96 -7.62 -33.38
C HIS A 367 12.48 -8.34 -34.64
N SER A 368 11.30 -8.02 -35.14
CA SER A 368 10.79 -8.69 -36.34
C SER A 368 11.62 -8.46 -37.59
N THR A 369 12.30 -7.32 -37.67
CA THR A 369 13.13 -7.02 -38.83
C THR A 369 12.35 -7.19 -40.13
N SER B 15 -24.94 -16.59 -28.71
CA SER B 15 -24.22 -16.15 -27.48
C SER B 15 -24.93 -16.72 -26.25
N SER B 16 -25.25 -15.85 -25.30
CA SER B 16 -25.94 -16.26 -24.09
C SER B 16 -27.11 -15.32 -23.87
N PRO B 17 -28.18 -15.81 -23.25
CA PRO B 17 -29.34 -14.95 -22.98
C PRO B 17 -28.80 -13.80 -22.13
N VAL B 18 -29.50 -12.67 -22.08
CA VAL B 18 -29.02 -11.54 -21.30
C VAL B 18 -29.03 -11.79 -19.79
N TRP B 19 -29.81 -12.78 -19.36
CA TRP B 19 -29.92 -13.09 -17.94
C TRP B 19 -28.89 -14.08 -17.40
N SER B 20 -27.93 -14.47 -18.24
CA SER B 20 -26.89 -15.38 -17.80
C SER B 20 -25.57 -14.89 -18.37
N GLU B 21 -24.57 -14.75 -17.50
CA GLU B 21 -23.27 -14.28 -17.94
C GLU B 21 -22.15 -15.16 -17.40
N PRO B 22 -21.52 -15.95 -18.28
CA PRO B 22 -20.41 -16.85 -17.92
C PRO B 22 -19.30 -16.10 -17.21
N LEU B 23 -18.72 -16.71 -16.18
CA LEU B 23 -17.65 -16.07 -15.43
C LEU B 23 -16.32 -16.81 -15.52
N TYR B 24 -15.25 -16.05 -15.57
CA TYR B 24 -13.89 -16.59 -15.66
C TYR B 24 -13.58 -17.52 -14.47
N SER B 25 -13.90 -17.05 -13.27
CA SER B 25 -13.64 -17.82 -12.05
C SER B 25 -14.46 -19.11 -11.95
N LEU B 26 -15.49 -19.23 -12.77
CA LEU B 26 -16.35 -20.41 -12.76
C LEU B 26 -16.08 -21.42 -13.88
N ARG B 27 -15.10 -21.15 -14.73
CA ARG B 27 -14.78 -22.08 -15.81
C ARG B 27 -14.20 -23.35 -15.21
N PRO B 28 -14.40 -24.50 -15.86
CA PRO B 28 -13.85 -25.75 -15.33
C PRO B 28 -12.33 -25.75 -15.25
N GLU B 29 -11.68 -25.06 -16.18
CA GLU B 29 -10.22 -24.99 -16.19
C GLU B 29 -9.70 -24.20 -14.99
N HIS B 30 -10.55 -23.36 -14.43
CA HIS B 30 -10.13 -22.53 -13.31
C HIS B 30 -9.64 -23.34 -12.11
N ALA B 31 -10.19 -24.54 -11.94
CA ALA B 31 -9.78 -25.39 -10.82
C ALA B 31 -8.30 -25.73 -10.88
N ARG B 32 -7.72 -25.66 -12.08
CA ARG B 32 -6.30 -25.95 -12.23
C ARG B 32 -5.41 -24.84 -11.69
N GLU B 33 -6.02 -23.72 -11.34
CA GLU B 33 -5.28 -22.57 -10.83
C GLU B 33 -5.10 -22.63 -9.32
N ARG B 34 -5.59 -23.70 -8.70
CA ARG B 34 -5.45 -23.87 -7.26
C ARG B 34 -3.99 -24.07 -6.93
N LEU B 35 -3.61 -23.64 -5.73
CA LEU B 35 -2.22 -23.74 -5.27
C LEU B 35 -1.59 -25.13 -5.35
N GLN B 36 -0.37 -25.17 -5.86
CA GLN B 36 0.40 -26.41 -5.94
C GLN B 36 1.52 -26.23 -4.93
N ASP B 37 1.41 -26.90 -3.78
CA ASP B 37 2.42 -26.73 -2.74
C ASP B 37 3.61 -27.68 -2.85
N ASP B 38 3.70 -28.41 -3.95
CA ASP B 38 4.80 -29.34 -4.19
C ASP B 38 5.00 -30.31 -3.02
N SER B 39 3.93 -30.57 -2.27
CA SER B 39 3.99 -31.47 -1.14
C SER B 39 4.94 -30.99 -0.06
N VAL B 40 5.20 -29.69 -0.05
CA VAL B 40 6.08 -29.08 0.96
C VAL B 40 5.27 -27.99 1.65
N GLU B 41 4.80 -28.28 2.86
CA GLU B 41 3.99 -27.35 3.62
C GLU B 41 4.76 -26.39 4.52
N THR B 42 4.37 -25.12 4.47
CA THR B 42 4.98 -24.09 5.31
C THR B 42 3.81 -23.19 5.69
N VAL B 43 4.01 -22.33 6.67
CA VAL B 43 2.96 -21.42 7.11
C VAL B 43 2.32 -20.69 5.93
N THR B 44 3.16 -20.26 4.98
CA THR B 44 2.67 -19.54 3.81
C THR B 44 1.68 -20.35 2.96
N SER B 45 2.05 -21.56 2.58
CA SER B 45 1.17 -22.38 1.75
C SER B 45 -0.11 -22.78 2.48
N ILE B 46 -0.01 -23.02 3.78
CA ILE B 46 -1.17 -23.40 4.58
C ILE B 46 -2.20 -22.27 4.61
N GLU B 47 -1.74 -21.04 4.80
CA GLU B 47 -2.64 -19.89 4.83
C GLU B 47 -3.27 -19.64 3.46
N GLN B 48 -2.46 -19.75 2.42
CA GLN B 48 -2.94 -19.54 1.06
C GLN B 48 -4.02 -20.57 0.70
N ALA B 49 -3.78 -21.82 1.07
CA ALA B 49 -4.73 -22.89 0.78
C ALA B 49 -6.05 -22.67 1.51
N LYS B 50 -5.97 -22.14 2.73
CA LYS B 50 -7.17 -21.88 3.50
C LYS B 50 -8.03 -20.81 2.82
N VAL B 51 -7.39 -19.76 2.31
CA VAL B 51 -8.13 -18.70 1.65
C VAL B 51 -8.76 -19.24 0.36
N GLU B 52 -7.98 -19.98 -0.42
CA GLU B 52 -8.47 -20.52 -1.67
C GLU B 52 -9.68 -21.43 -1.47
N GLU B 53 -9.65 -22.23 -0.39
CA GLU B 53 -10.74 -23.14 -0.08
C GLU B 53 -12.04 -22.36 0.16
N LYS B 54 -11.95 -21.28 0.93
CA LYS B 54 -13.10 -20.44 1.23
C LYS B 54 -13.60 -19.75 -0.04
N ILE B 55 -12.68 -19.22 -0.83
CA ILE B 55 -13.02 -18.52 -2.07
C ILE B 55 -13.73 -19.43 -3.06
N GLN B 56 -13.29 -20.69 -3.17
CA GLN B 56 -13.92 -21.63 -4.08
C GLN B 56 -15.38 -21.83 -3.67
N GLU B 57 -15.61 -21.95 -2.37
CA GLU B 57 -16.97 -22.12 -1.85
C GLU B 57 -17.82 -20.92 -2.27
N VAL B 58 -17.25 -19.72 -2.13
CA VAL B 58 -17.98 -18.51 -2.50
C VAL B 58 -18.28 -18.54 -3.99
N PHE B 59 -17.25 -18.78 -4.81
CA PHE B 59 -17.42 -18.84 -6.26
C PHE B 59 -18.56 -19.78 -6.65
N SER B 60 -18.55 -20.98 -6.06
CA SER B 60 -19.57 -21.99 -6.35
C SER B 60 -21.00 -21.56 -6.03
N SER B 61 -21.17 -20.69 -5.04
CA SER B 61 -22.52 -20.25 -4.68
C SER B 61 -23.14 -19.34 -5.72
N TYR B 62 -22.34 -18.87 -6.68
CA TYR B 62 -22.86 -17.99 -7.72
C TYR B 62 -23.14 -18.75 -9.02
N LYS B 63 -22.97 -20.06 -8.97
CA LYS B 63 -23.18 -20.90 -10.14
C LYS B 63 -24.26 -21.95 -9.89
N PHE B 64 -25.17 -22.10 -10.85
CA PHE B 64 -26.25 -23.08 -10.76
C PHE B 64 -26.18 -23.85 -12.07
N ASN B 65 -25.17 -24.70 -12.16
CA ASN B 65 -24.88 -25.48 -13.36
C ASN B 65 -24.68 -24.50 -14.51
N HIS B 66 -25.47 -24.60 -15.56
CA HIS B 66 -25.29 -23.70 -16.71
C HIS B 66 -25.92 -22.31 -16.50
N LEU B 67 -26.68 -22.15 -15.43
CA LEU B 67 -27.30 -20.86 -15.13
C LEU B 67 -26.33 -20.04 -14.27
N VAL B 68 -25.90 -18.89 -14.76
CA VAL B 68 -24.99 -18.04 -14.01
C VAL B 68 -25.55 -16.61 -14.00
N PRO B 69 -26.39 -16.29 -13.01
CA PRO B 69 -27.00 -14.95 -12.90
C PRO B 69 -25.97 -13.82 -12.88
N ARG B 70 -26.36 -12.67 -13.43
CA ARG B 70 -25.46 -11.52 -13.47
C ARG B 70 -25.13 -11.06 -12.05
N LEU B 71 -23.87 -10.66 -11.84
CA LEU B 71 -23.43 -10.19 -10.54
C LEU B 71 -24.02 -8.81 -10.25
N VAL B 72 -24.30 -8.54 -8.98
CA VAL B 72 -24.87 -7.26 -8.59
C VAL B 72 -24.09 -6.52 -7.50
N LEU B 73 -23.76 -5.27 -7.77
CA LEU B 73 -23.10 -4.42 -6.80
C LEU B 73 -24.26 -3.90 -5.96
N GLN B 74 -24.26 -4.19 -4.66
CA GLN B 74 -25.34 -3.78 -3.78
C GLN B 74 -25.29 -2.30 -3.42
N ARG B 75 -25.45 -1.46 -4.44
CA ARG B 75 -25.43 0.00 -4.31
C ARG B 75 -26.14 0.59 -3.10
N GLU B 76 -27.44 0.32 -2.99
CA GLU B 76 -28.22 0.88 -1.90
C GLU B 76 -27.75 0.51 -0.50
N LYS B 77 -27.31 -0.73 -0.33
CA LYS B 77 -26.82 -1.16 0.98
C LYS B 77 -25.54 -0.39 1.30
N HIS B 78 -24.66 -0.26 0.30
CA HIS B 78 -23.41 0.46 0.51
C HIS B 78 -23.72 1.93 0.80
N PHE B 79 -24.68 2.49 0.07
CA PHE B 79 -25.07 3.88 0.26
C PHE B 79 -25.54 4.17 1.68
N HIS B 80 -26.40 3.30 2.22
CA HIS B 80 -26.91 3.49 3.57
C HIS B 80 -25.83 3.39 4.64
N TYR B 81 -24.89 2.46 4.43
CA TYR B 81 -23.78 2.27 5.35
C TYR B 81 -22.90 3.53 5.36
N LEU B 82 -22.60 4.05 4.17
CA LEU B 82 -21.78 5.24 4.01
C LEU B 82 -22.47 6.49 4.59
N LYS B 83 -23.74 6.68 4.23
CA LYS B 83 -24.49 7.83 4.70
C LYS B 83 -24.49 7.92 6.22
N ARG B 84 -24.63 6.78 6.87
CA ARG B 84 -24.64 6.71 8.32
C ARG B 84 -23.27 7.05 8.92
N GLY B 85 -22.22 6.49 8.33
CA GLY B 85 -20.87 6.74 8.85
C GLY B 85 -20.38 8.17 8.73
N LEU B 86 -20.87 8.90 7.73
CA LEU B 86 -20.45 10.27 7.51
C LEU B 86 -20.92 11.17 8.64
N ARG B 87 -21.90 10.70 9.40
CA ARG B 87 -22.44 11.49 10.49
C ARG B 87 -21.95 11.07 11.87
N GLN B 88 -22.20 9.81 12.22
CA GLN B 88 -21.83 9.32 13.54
C GLN B 88 -21.20 7.94 13.53
N LEU B 89 -20.42 7.65 14.56
CA LEU B 89 -19.74 6.37 14.71
C LEU B 89 -19.70 5.96 16.18
N THR B 90 -19.71 4.66 16.46
CA THR B 90 -19.68 4.18 17.84
C THR B 90 -18.25 4.24 18.38
N ASP B 91 -18.10 4.01 19.69
CA ASP B 91 -16.78 4.05 20.30
C ASP B 91 -15.85 2.97 19.73
N ALA B 92 -16.38 2.15 18.85
CA ALA B 92 -15.57 1.10 18.22
C ALA B 92 -14.59 1.78 17.28
N TYR B 93 -14.87 3.05 16.96
CA TYR B 93 -14.00 3.82 16.08
C TYR B 93 -13.00 4.70 16.81
N GLU B 94 -12.85 4.48 18.12
CA GLU B 94 -11.91 5.27 18.89
C GLU B 94 -10.50 5.13 18.34
N CYS B 95 -10.18 3.97 17.78
CA CYS B 95 -8.86 3.73 17.22
C CYS B 95 -8.56 4.58 15.98
N LEU B 96 -9.59 5.26 15.46
CA LEU B 96 -9.42 6.12 14.29
C LEU B 96 -9.61 7.59 14.66
N ASP B 97 -9.51 7.90 15.96
CA ASP B 97 -9.68 9.27 16.43
C ASP B 97 -8.62 10.22 15.88
N ALA B 98 -7.53 9.66 15.37
CA ALA B 98 -6.45 10.46 14.79
C ALA B 98 -6.44 10.29 13.27
N SER B 99 -7.56 9.86 12.71
CA SER B 99 -7.66 9.68 11.25
C SER B 99 -9.04 10.08 10.74
N ARG B 100 -9.65 11.07 11.35
CA ARG B 100 -10.99 11.46 10.92
C ARG B 100 -11.07 12.04 9.51
N PRO B 101 -10.04 12.79 9.07
CA PRO B 101 -10.16 13.31 7.70
C PRO B 101 -10.15 12.11 6.73
N TRP B 102 -9.49 11.03 7.11
CA TRP B 102 -9.45 9.82 6.28
C TRP B 102 -10.88 9.31 6.11
N LEU B 103 -11.64 9.32 7.20
CA LEU B 103 -13.02 8.85 7.16
C LEU B 103 -13.84 9.72 6.20
N CYS B 104 -13.63 11.03 6.25
CA CYS B 104 -14.36 11.93 5.37
C CYS B 104 -14.04 11.58 3.91
N TYR B 105 -12.76 11.40 3.61
CA TYR B 105 -12.33 11.08 2.25
C TYR B 105 -12.85 9.73 1.76
N TRP B 106 -12.62 8.67 2.52
CA TRP B 106 -13.09 7.34 2.12
C TRP B 106 -14.59 7.31 1.87
N ILE B 107 -15.35 7.93 2.76
CA ILE B 107 -16.80 7.96 2.62
C ILE B 107 -17.26 8.81 1.45
N LEU B 108 -16.72 10.02 1.32
CA LEU B 108 -17.10 10.90 0.22
C LEU B 108 -16.72 10.33 -1.14
N HIS B 109 -15.55 9.72 -1.24
CA HIS B 109 -15.10 9.14 -2.50
C HIS B 109 -15.95 7.95 -2.89
N SER B 110 -16.37 7.16 -1.90
CA SER B 110 -17.23 6.00 -2.15
C SER B 110 -18.57 6.48 -2.69
N LEU B 111 -19.13 7.52 -2.06
CA LEU B 111 -20.41 8.08 -2.51
C LEU B 111 -20.26 8.63 -3.92
N GLU B 112 -19.13 9.29 -4.17
CA GLU B 112 -18.84 9.85 -5.48
C GLU B 112 -18.78 8.74 -6.53
N LEU B 113 -18.10 7.64 -6.21
CA LEU B 113 -18.00 6.53 -7.14
C LEU B 113 -19.39 5.94 -7.44
N LEU B 114 -20.22 5.88 -6.41
CA LEU B 114 -21.57 5.35 -6.52
C LEU B 114 -22.53 6.36 -7.12
N ASP B 115 -22.02 7.53 -7.47
CA ASP B 115 -22.83 8.58 -8.07
C ASP B 115 -24.00 8.98 -7.16
N GLU B 116 -23.72 9.08 -5.87
CA GLU B 116 -24.71 9.48 -4.87
C GLU B 116 -24.39 10.93 -4.51
N PRO B 117 -25.30 11.86 -4.84
CA PRO B 117 -25.06 13.28 -4.54
C PRO B 117 -24.83 13.57 -3.05
N ILE B 118 -24.01 14.58 -2.80
CA ILE B 118 -23.71 14.99 -1.43
C ILE B 118 -24.61 16.18 -1.10
N PRO B 119 -25.55 15.99 -0.17
CA PRO B 119 -26.44 17.10 0.20
C PRO B 119 -25.64 18.35 0.55
N GLN B 120 -26.13 19.51 0.14
CA GLN B 120 -25.46 20.79 0.38
C GLN B 120 -25.10 20.99 1.86
N ILE B 121 -26.01 20.62 2.76
CA ILE B 121 -25.78 20.76 4.19
C ILE B 121 -24.63 19.88 4.67
N VAL B 122 -24.57 18.66 4.14
CA VAL B 122 -23.50 17.74 4.51
C VAL B 122 -22.17 18.29 4.02
N ALA B 123 -22.15 18.78 2.78
CA ALA B 123 -20.95 19.35 2.19
C ALA B 123 -20.41 20.48 3.04
N THR B 124 -21.29 21.36 3.50
CA THR B 124 -20.89 22.49 4.32
C THR B 124 -20.35 22.03 5.68
N ASP B 125 -21.01 21.05 6.28
CA ASP B 125 -20.58 20.52 7.57
C ASP B 125 -19.20 19.88 7.45
N VAL B 126 -18.95 19.14 6.37
CA VAL B 126 -17.65 18.51 6.20
C VAL B 126 -16.58 19.60 6.09
N CYS B 127 -16.84 20.63 5.30
CA CYS B 127 -15.89 21.72 5.15
C CYS B 127 -15.56 22.33 6.51
N GLN B 128 -16.60 22.64 7.28
CA GLN B 128 -16.40 23.23 8.61
C GLN B 128 -15.57 22.32 9.50
N PHE B 129 -15.84 21.02 9.43
CA PHE B 129 -15.09 20.08 10.25
C PHE B 129 -13.62 20.01 9.85
N LEU B 130 -13.36 19.97 8.55
CA LEU B 130 -11.98 19.91 8.08
C LEU B 130 -11.25 21.21 8.40
N GLU B 131 -11.98 22.31 8.45
CA GLU B 131 -11.37 23.59 8.78
C GLU B 131 -10.84 23.50 10.22
N LEU B 132 -11.61 22.85 11.08
CA LEU B 132 -11.22 22.68 12.48
C LEU B 132 -10.02 21.74 12.62
N CYS B 133 -9.82 20.89 11.62
CA CYS B 133 -8.69 19.94 11.64
C CYS B 133 -7.42 20.59 11.10
N GLN B 134 -7.57 21.71 10.41
CA GLN B 134 -6.41 22.39 9.84
C GLN B 134 -5.58 23.06 10.94
N SER B 135 -4.28 22.85 10.87
CA SER B 135 -3.35 23.41 11.85
C SER B 135 -2.92 24.82 11.48
N PRO B 136 -2.66 25.65 12.49
CA PRO B 136 -2.23 27.01 12.20
C PRO B 136 -0.84 27.02 11.54
N GLU B 137 -0.10 25.92 11.69
CA GLU B 137 1.22 25.83 11.10
C GLU B 137 1.14 25.29 9.67
N GLY B 138 -0.07 24.97 9.22
CA GLY B 138 -0.25 24.44 7.87
C GLY B 138 -0.52 22.95 7.90
N GLY B 139 -1.25 22.45 6.92
CA GLY B 139 -1.57 21.04 6.87
C GLY B 139 -2.77 20.72 7.75
N PHE B 140 -3.18 19.46 7.74
CA PHE B 140 -4.32 19.02 8.54
C PHE B 140 -3.92 17.90 9.50
N GLY B 141 -4.58 17.87 10.66
CA GLY B 141 -4.33 16.84 11.66
C GLY B 141 -5.45 15.83 11.63
N GLY B 142 -5.30 14.75 12.39
CA GLY B 142 -6.31 13.70 12.42
C GLY B 142 -7.59 14.07 13.12
N GLY B 143 -7.61 15.24 13.75
CA GLY B 143 -8.79 15.69 14.45
C GLY B 143 -8.54 17.10 14.95
N PRO B 144 -9.57 17.80 15.44
CA PRO B 144 -9.39 19.17 15.92
C PRO B 144 -8.31 19.27 17.00
N GLY B 145 -7.37 20.20 16.82
CA GLY B 145 -6.32 20.39 17.80
C GLY B 145 -5.13 19.44 17.70
N GLN B 146 -5.19 18.49 16.79
CA GLN B 146 -4.08 17.56 16.62
C GLN B 146 -3.02 18.18 15.72
N TYR B 147 -1.77 17.74 15.88
CA TYR B 147 -0.68 18.23 15.07
C TYR B 147 -0.94 17.81 13.63
N PRO B 148 -0.43 18.58 12.65
CA PRO B 148 -0.64 18.23 11.25
C PRO B 148 0.16 16.97 10.89
N HIS B 149 -0.31 16.22 9.91
CA HIS B 149 0.33 14.99 9.48
C HIS B 149 -0.02 14.85 7.98
N LEU B 150 0.92 14.35 7.18
CA LEU B 150 0.68 14.22 5.75
C LEU B 150 -0.46 13.30 5.33
N ALA B 151 -0.73 12.25 6.11
CA ALA B 151 -1.82 11.34 5.76
C ALA B 151 -3.15 12.08 5.84
N PRO B 152 -3.51 12.62 7.03
CA PRO B 152 -4.77 13.34 7.10
C PRO B 152 -4.80 14.57 6.19
N THR B 153 -3.63 15.13 5.90
CA THR B 153 -3.56 16.30 5.02
C THR B 153 -3.98 15.87 3.61
N TYR B 154 -3.43 14.74 3.17
CA TYR B 154 -3.76 14.19 1.85
C TYR B 154 -5.26 13.94 1.78
N ALA B 155 -5.79 13.31 2.82
CA ALA B 155 -7.21 12.97 2.90
C ALA B 155 -8.11 14.21 2.89
N ALA B 156 -7.76 15.21 3.69
CA ALA B 156 -8.54 16.43 3.77
C ALA B 156 -8.62 17.16 2.43
N VAL B 157 -7.46 17.29 1.77
CA VAL B 157 -7.41 17.98 0.49
C VAL B 157 -8.25 17.23 -0.56
N ASN B 158 -8.18 15.90 -0.57
CA ASN B 158 -8.95 15.11 -1.52
C ASN B 158 -10.46 15.26 -1.25
N ALA B 159 -10.84 15.20 0.01
CA ALA B 159 -12.24 15.34 0.40
C ALA B 159 -12.76 16.71 -0.03
N LEU B 160 -11.97 17.75 0.22
CA LEU B 160 -12.38 19.10 -0.17
C LEU B 160 -12.53 19.21 -1.67
N CYS B 161 -11.66 18.54 -2.42
CA CYS B 161 -11.74 18.58 -3.87
C CYS B 161 -12.95 17.80 -4.39
N ILE B 162 -13.33 16.74 -3.68
CA ILE B 162 -14.51 15.96 -4.07
C ILE B 162 -15.75 16.86 -3.91
N ILE B 163 -15.79 17.64 -2.84
CA ILE B 163 -16.91 18.55 -2.62
C ILE B 163 -16.86 19.56 -3.77
N GLY B 164 -15.65 20.03 -4.07
CA GLY B 164 -15.43 20.94 -5.18
C GLY B 164 -16.08 22.31 -5.24
N THR B 165 -16.53 22.84 -4.10
CA THR B 165 -17.15 24.16 -4.10
C THR B 165 -16.05 25.16 -3.73
N GLU B 166 -16.24 26.42 -4.11
CA GLU B 166 -15.25 27.43 -3.78
C GLU B 166 -15.10 27.51 -2.27
N GLU B 167 -16.18 27.21 -1.56
CA GLU B 167 -16.15 27.22 -0.10
C GLU B 167 -15.12 26.18 0.37
N ALA B 168 -15.17 25.01 -0.24
CA ALA B 168 -14.26 23.92 0.11
C ALA B 168 -12.82 24.25 -0.26
N TYR B 169 -12.62 24.73 -1.49
CA TYR B 169 -11.29 25.10 -1.98
C TYR B 169 -10.63 26.14 -1.09
N ASP B 170 -11.39 27.16 -0.72
CA ASP B 170 -10.85 28.25 0.10
C ASP B 170 -10.51 27.91 1.54
N ILE B 171 -10.95 26.75 2.02
CA ILE B 171 -10.65 26.33 3.38
C ILE B 171 -9.14 26.18 3.51
N ILE B 172 -8.51 25.60 2.49
CA ILE B 172 -7.09 25.35 2.49
C ILE B 172 -6.22 26.61 2.59
N ASN B 173 -5.37 26.66 3.61
CA ASN B 173 -4.46 27.78 3.79
C ASN B 173 -3.22 27.35 2.99
N ARG B 174 -3.17 27.76 1.74
CA ARG B 174 -2.08 27.40 0.84
C ARG B 174 -0.70 27.89 1.26
N GLU B 175 -0.63 29.11 1.81
CA GLU B 175 0.65 29.67 2.24
C GLU B 175 1.27 28.79 3.33
N LYS B 176 0.48 28.44 4.34
CA LYS B 176 0.98 27.61 5.43
C LYS B 176 1.20 26.16 5.01
N LEU B 177 0.39 25.68 4.07
CA LEU B 177 0.55 24.30 3.60
C LEU B 177 1.94 24.13 3.00
N LEU B 178 2.35 25.06 2.15
CA LEU B 178 3.66 24.98 1.51
C LEU B 178 4.77 25.07 2.54
N GLN B 179 4.62 25.98 3.50
CA GLN B 179 5.63 26.12 4.54
C GLN B 179 5.71 24.82 5.32
N TYR B 180 4.56 24.21 5.59
CA TYR B 180 4.52 22.95 6.31
C TYR B 180 5.28 21.86 5.53
N LEU B 181 5.03 21.75 4.23
CA LEU B 181 5.73 20.75 3.43
C LEU B 181 7.24 20.98 3.52
N TYR B 182 7.66 22.24 3.46
CA TYR B 182 9.07 22.56 3.57
C TYR B 182 9.63 22.05 4.90
N SER B 183 8.84 22.20 5.97
CA SER B 183 9.27 21.78 7.29
C SER B 183 9.43 20.27 7.43
N LEU B 184 8.98 19.52 6.43
CA LEU B 184 9.08 18.06 6.47
C LEU B 184 10.11 17.52 5.47
N LYS B 185 10.56 18.37 4.55
CA LYS B 185 11.51 17.97 3.52
C LYS B 185 12.91 17.67 4.05
N GLN B 186 13.43 16.49 3.69
CA GLN B 186 14.76 16.05 4.10
C GLN B 186 15.78 16.28 2.99
N PRO B 187 17.06 16.39 3.34
CA PRO B 187 18.16 16.61 2.38
C PRO B 187 18.27 15.52 1.30
N ASP B 188 17.96 14.28 1.66
CA ASP B 188 18.06 13.18 0.71
C ASP B 188 16.86 13.04 -0.24
N GLY B 189 15.94 14.00 -0.19
CA GLY B 189 14.78 13.96 -1.06
C GLY B 189 13.51 13.40 -0.45
N SER B 190 13.62 12.75 0.69
CA SER B 190 12.44 12.18 1.34
C SER B 190 11.71 13.22 2.19
N PHE B 191 10.54 12.84 2.69
CA PHE B 191 9.73 13.70 3.55
C PHE B 191 9.35 12.95 4.82
N LEU B 192 9.25 13.67 5.93
CA LEU B 192 8.81 13.06 7.18
C LEU B 192 7.29 13.03 7.04
N MET B 193 6.61 12.09 7.70
CA MET B 193 5.15 12.03 7.65
C MET B 193 4.58 13.18 8.48
N HIS B 194 5.34 13.60 9.49
CA HIS B 194 4.96 14.71 10.36
C HIS B 194 6.20 15.15 11.15
N VAL B 195 6.11 16.29 11.81
CA VAL B 195 7.25 16.81 12.57
C VAL B 195 7.74 15.76 13.57
N GLY B 196 9.01 15.41 13.47
CA GLY B 196 9.57 14.41 14.36
C GLY B 196 9.00 13.03 14.07
N GLY B 197 8.43 12.87 12.87
CA GLY B 197 7.84 11.59 12.49
C GLY B 197 8.72 10.68 11.65
N GLU B 198 8.15 9.55 11.24
CA GLU B 198 8.84 8.55 10.45
C GLU B 198 8.89 8.89 8.96
N VAL B 199 9.79 8.23 8.25
CA VAL B 199 9.94 8.44 6.82
C VAL B 199 9.70 7.16 6.01
N ASP B 200 8.87 7.28 4.97
CA ASP B 200 8.62 6.21 4.03
C ASP B 200 7.95 6.84 2.81
N VAL B 201 7.86 6.10 1.70
CA VAL B 201 7.33 6.66 0.47
C VAL B 201 5.93 7.26 0.51
N ARG B 202 5.15 6.95 1.56
CA ARG B 202 3.81 7.51 1.66
C ARG B 202 3.89 9.04 1.69
N SER B 203 4.88 9.56 2.42
CA SER B 203 5.03 11.00 2.55
C SER B 203 5.25 11.70 1.22
N ALA B 204 6.08 11.11 0.37
CA ALA B 204 6.36 11.70 -0.94
C ALA B 204 5.09 11.82 -1.77
N TYR B 205 4.24 10.80 -1.70
CA TYR B 205 2.99 10.81 -2.46
C TYR B 205 2.00 11.81 -1.88
N CYS B 206 1.85 11.81 -0.56
CA CYS B 206 0.91 12.74 0.08
C CYS B 206 1.30 14.18 -0.24
N ALA B 207 2.60 14.48 -0.14
CA ALA B 207 3.09 15.83 -0.43
C ALA B 207 2.88 16.21 -1.89
N ALA B 208 3.27 15.32 -2.80
CA ALA B 208 3.12 15.58 -4.23
C ALA B 208 1.66 15.74 -4.63
N SER B 209 0.80 14.92 -4.04
CA SER B 209 -0.62 15.01 -4.34
C SER B 209 -1.22 16.36 -3.93
N VAL B 210 -1.08 16.74 -2.67
CA VAL B 210 -1.66 18.00 -2.23
C VAL B 210 -1.02 19.23 -2.86
N ALA B 211 0.29 19.16 -3.12
CA ALA B 211 1.00 20.30 -3.71
C ALA B 211 0.61 20.55 -5.17
N SER B 212 0.41 19.47 -5.93
CA SER B 212 0.04 19.62 -7.34
C SER B 212 -1.41 20.07 -7.45
N LEU B 213 -2.29 19.49 -6.63
CA LEU B 213 -3.70 19.87 -6.66
C LEU B 213 -3.92 21.34 -6.29
N THR B 214 -3.19 21.83 -5.29
CA THR B 214 -3.36 23.21 -4.85
C THR B 214 -2.41 24.21 -5.48
N ASN B 215 -1.65 23.75 -6.47
CA ASN B 215 -0.71 24.61 -7.18
C ASN B 215 0.29 25.34 -6.27
N ILE B 216 1.01 24.59 -5.45
CA ILE B 216 2.01 25.20 -4.56
C ILE B 216 3.39 24.59 -4.74
N ILE B 217 3.60 23.92 -5.87
CA ILE B 217 4.89 23.30 -6.14
C ILE B 217 5.93 24.33 -6.56
N THR B 218 7.09 24.30 -5.89
CA THR B 218 8.18 25.20 -6.23
C THR B 218 9.28 24.33 -6.84
N PRO B 219 10.24 24.95 -7.52
CA PRO B 219 11.34 24.20 -8.15
C PRO B 219 12.15 23.34 -7.17
N ASP B 220 12.36 23.86 -5.96
CA ASP B 220 13.16 23.13 -4.96
C ASP B 220 12.40 22.18 -4.03
N LEU B 221 11.08 22.35 -3.92
CA LEU B 221 10.30 21.49 -3.03
C LEU B 221 10.58 20.01 -3.20
N PHE B 222 10.58 19.53 -4.45
CA PHE B 222 10.83 18.11 -4.69
C PHE B 222 12.21 17.75 -5.24
N GLU B 223 13.18 18.62 -4.99
CA GLU B 223 14.55 18.36 -5.44
C GLU B 223 15.02 17.08 -4.75
N GLY B 224 15.50 16.13 -5.53
CA GLY B 224 16.00 14.87 -4.99
C GLY B 224 14.94 13.82 -4.68
N THR B 225 13.67 14.21 -4.66
CA THR B 225 12.59 13.28 -4.36
C THR B 225 12.47 12.13 -5.36
N ALA B 226 12.53 12.44 -6.66
CA ALA B 226 12.42 11.40 -7.67
C ALA B 226 13.51 10.34 -7.49
N GLU B 227 14.74 10.79 -7.23
CA GLU B 227 15.87 9.88 -7.03
C GLU B 227 15.69 9.01 -5.78
N TRP B 228 15.16 9.60 -4.73
CA TRP B 228 14.95 8.86 -3.48
C TRP B 228 13.91 7.77 -3.73
N ILE B 229 12.85 8.11 -4.44
CA ILE B 229 11.80 7.13 -4.75
C ILE B 229 12.39 5.99 -5.57
N ALA B 230 13.21 6.32 -6.56
CA ALA B 230 13.82 5.29 -7.41
C ALA B 230 14.65 4.32 -6.56
N ARG B 231 15.30 4.85 -5.52
CA ARG B 231 16.12 4.01 -4.64
C ARG B 231 15.24 3.04 -3.86
N CYS B 232 13.95 3.32 -3.79
CA CYS B 232 12.99 2.46 -3.09
C CYS B 232 12.55 1.27 -3.93
N GLN B 233 12.74 1.36 -5.24
CA GLN B 233 12.40 0.24 -6.11
C GLN B 233 13.47 -0.80 -5.81
N ASN B 234 13.09 -2.06 -5.60
CA ASN B 234 14.09 -3.08 -5.28
C ASN B 234 14.25 -4.14 -6.36
N TRP B 235 14.98 -5.20 -6.01
CA TRP B 235 15.25 -6.31 -6.93
C TRP B 235 14.00 -6.98 -7.50
N GLU B 236 12.89 -6.89 -6.76
CA GLU B 236 11.63 -7.49 -7.19
C GLU B 236 10.96 -6.72 -8.33
N GLY B 237 11.26 -5.44 -8.44
CA GLY B 237 10.65 -4.62 -9.48
C GLY B 237 9.65 -3.64 -8.88
N GLY B 238 9.08 -4.01 -7.73
CA GLY B 238 8.14 -3.15 -7.05
C GLY B 238 8.88 -2.15 -6.19
N ILE B 239 8.16 -1.37 -5.40
CA ILE B 239 8.74 -0.35 -4.53
C ILE B 239 8.50 -0.62 -3.04
N GLY B 240 9.53 -0.43 -2.22
CA GLY B 240 9.40 -0.65 -0.79
C GLY B 240 9.17 0.66 -0.06
N GLY B 241 8.88 0.58 1.24
CA GLY B 241 8.63 1.78 2.04
C GLY B 241 9.83 2.72 2.09
N VAL B 242 11.03 2.12 2.15
CA VAL B 242 12.29 2.87 2.16
C VAL B 242 13.30 2.02 1.39
N PRO B 243 14.44 2.61 1.00
CA PRO B 243 15.45 1.83 0.27
C PRO B 243 15.83 0.55 0.99
N GLY B 244 15.86 -0.56 0.27
CA GLY B 244 16.24 -1.83 0.85
C GLY B 244 15.08 -2.72 1.26
N MET B 245 13.91 -2.12 1.47
CA MET B 245 12.75 -2.89 1.90
C MET B 245 11.94 -3.60 0.81
N GLU B 246 11.21 -4.61 1.24
CA GLU B 246 10.38 -5.45 0.39
C GLU B 246 9.35 -4.67 -0.40
N ALA B 247 9.16 -5.03 -1.66
CA ALA B 247 8.21 -4.37 -2.53
C ALA B 247 6.78 -4.62 -2.03
N HIS B 248 5.98 -3.56 -1.97
CA HIS B 248 4.61 -3.66 -1.49
C HIS B 248 3.68 -2.77 -2.32
N GLY B 249 2.50 -3.28 -2.65
CA GLY B 249 1.54 -2.52 -3.44
C GLY B 249 1.25 -1.13 -2.91
N GLY B 250 1.11 -1.01 -1.60
CA GLY B 250 0.82 0.30 -1.04
C GLY B 250 1.90 1.33 -1.34
N TYR B 251 3.16 0.95 -1.09
CA TYR B 251 4.30 1.83 -1.33
C TYR B 251 4.61 1.98 -2.81
N THR B 252 4.28 0.97 -3.62
CA THR B 252 4.54 1.04 -5.05
C THR B 252 3.56 2.03 -5.70
N PHE B 253 2.32 2.04 -5.22
CA PHE B 253 1.35 2.99 -5.76
C PHE B 253 1.85 4.39 -5.42
N CYS B 254 2.16 4.62 -4.14
CA CYS B 254 2.64 5.91 -3.71
C CYS B 254 3.85 6.38 -4.53
N GLY B 255 4.80 5.48 -4.72
CA GLY B 255 6.01 5.81 -5.45
C GLY B 255 5.77 6.21 -6.90
N LEU B 256 5.06 5.35 -7.64
CA LEU B 256 4.81 5.65 -9.05
C LEU B 256 3.90 6.85 -9.24
N ALA B 257 2.86 6.97 -8.42
CA ALA B 257 1.94 8.08 -8.53
C ALA B 257 2.67 9.40 -8.26
N ALA B 258 3.56 9.41 -7.28
CA ALA B 258 4.30 10.63 -6.99
C ALA B 258 5.21 10.99 -8.19
N LEU B 259 5.86 9.99 -8.76
CA LEU B 259 6.73 10.23 -9.91
C LEU B 259 5.95 10.72 -11.12
N VAL B 260 4.72 10.22 -11.30
CA VAL B 260 3.89 10.67 -12.41
C VAL B 260 3.61 12.16 -12.24
N ILE B 261 3.28 12.55 -11.01
CA ILE B 261 3.00 13.95 -10.70
C ILE B 261 4.25 14.81 -10.99
N LEU B 262 5.41 14.29 -10.64
CA LEU B 262 6.67 15.01 -10.87
C LEU B 262 7.18 14.86 -12.30
N LYS B 263 6.50 14.03 -13.09
CA LYS B 263 6.89 13.79 -14.47
C LYS B 263 8.29 13.17 -14.52
N ARG B 264 8.54 12.24 -13.61
CA ARG B 264 9.84 11.55 -13.55
C ARG B 264 9.71 10.03 -13.49
N GLU B 265 8.64 9.48 -14.08
CA GLU B 265 8.43 8.03 -14.07
C GLU B 265 9.61 7.25 -14.64
N ARG B 266 10.28 7.85 -15.63
CA ARG B 266 11.40 7.19 -16.27
C ARG B 266 12.61 6.97 -15.36
N SER B 267 12.53 7.50 -14.15
CA SER B 267 13.62 7.30 -13.19
C SER B 267 13.58 5.86 -12.70
N LEU B 268 12.47 5.19 -12.96
CA LEU B 268 12.30 3.79 -12.54
C LEU B 268 12.53 2.83 -13.70
N ASN B 269 12.70 1.56 -13.35
CA ASN B 269 12.82 0.52 -14.37
C ASN B 269 11.35 0.11 -14.51
N LEU B 270 10.68 0.65 -15.53
CA LEU B 270 9.26 0.36 -15.73
C LEU B 270 8.98 -1.09 -16.14
N LYS B 271 9.97 -1.73 -16.75
CA LYS B 271 9.83 -3.10 -17.19
C LYS B 271 9.73 -4.06 -16.01
N SER B 272 10.63 -3.90 -15.03
CA SER B 272 10.61 -4.78 -13.87
C SER B 272 9.40 -4.46 -12.98
N LEU B 273 8.96 -3.20 -13.00
CA LEU B 273 7.81 -2.80 -12.20
C LEU B 273 6.54 -3.41 -12.79
N LEU B 274 6.41 -3.34 -14.11
CA LEU B 274 5.25 -3.89 -14.80
C LEU B 274 5.13 -5.39 -14.55
N GLN B 275 6.25 -6.09 -14.71
CA GLN B 275 6.23 -7.53 -14.50
C GLN B 275 5.90 -7.87 -13.05
N TRP B 276 6.39 -7.07 -12.12
CA TRP B 276 6.11 -7.30 -10.70
C TRP B 276 4.65 -7.12 -10.35
N VAL B 277 4.06 -5.98 -10.71
CA VAL B 277 2.65 -5.73 -10.38
C VAL B 277 1.68 -6.73 -11.02
N THR B 278 1.90 -7.07 -12.28
CA THR B 278 1.02 -8.02 -12.94
C THR B 278 1.09 -9.39 -12.25
N SER B 279 2.26 -9.71 -11.71
CA SER B 279 2.45 -10.98 -11.01
C SER B 279 1.72 -11.01 -9.67
N ARG B 280 1.31 -9.83 -9.18
CA ARG B 280 0.62 -9.74 -7.90
C ARG B 280 -0.88 -10.09 -7.97
N GLN B 281 -1.40 -10.31 -9.18
CA GLN B 281 -2.80 -10.70 -9.30
C GLN B 281 -2.83 -12.21 -9.10
N MET B 282 -3.69 -12.68 -8.19
CA MET B 282 -3.80 -14.09 -7.87
C MET B 282 -4.52 -14.89 -8.94
N ARG B 283 -3.83 -15.91 -9.47
CA ARG B 283 -4.41 -16.73 -10.52
C ARG B 283 -5.75 -17.35 -10.13
N PHE B 284 -5.89 -17.74 -8.87
CA PHE B 284 -7.14 -18.35 -8.44
C PHE B 284 -8.20 -17.36 -7.98
N GLU B 285 -7.87 -16.55 -6.97
CA GLU B 285 -8.82 -15.57 -6.43
C GLU B 285 -9.24 -14.45 -7.39
N GLY B 286 -8.32 -14.04 -8.28
CA GLY B 286 -8.65 -12.98 -9.22
C GLY B 286 -8.31 -11.59 -8.69
N GLY B 287 -8.21 -11.46 -7.36
CA GLY B 287 -7.87 -10.18 -6.77
C GLY B 287 -6.36 -10.05 -6.68
N PHE B 288 -5.87 -9.01 -6.02
CA PHE B 288 -4.42 -8.80 -5.87
C PHE B 288 -3.94 -8.97 -4.42
N GLN B 289 -2.69 -9.42 -4.28
CA GLN B 289 -2.05 -9.57 -2.98
C GLN B 289 -1.16 -8.32 -2.84
N GLY B 290 -0.75 -7.98 -1.63
CA GLY B 290 0.08 -6.79 -1.41
C GLY B 290 1.56 -6.99 -1.68
N ARG B 291 2.02 -8.22 -1.53
CA ARG B 291 3.41 -8.56 -1.78
C ARG B 291 3.48 -10.05 -2.07
N CYS B 292 4.56 -10.47 -2.72
CA CYS B 292 4.73 -11.86 -3.09
C CYS B 292 4.57 -12.80 -1.91
N ASN B 293 3.81 -13.87 -2.14
CA ASN B 293 3.54 -14.90 -1.14
C ASN B 293 2.73 -14.49 0.08
N LYS B 294 1.93 -13.44 -0.03
CA LYS B 294 1.05 -13.05 1.06
C LYS B 294 -0.37 -13.20 0.48
N LEU B 295 -1.39 -12.82 1.25
CA LEU B 295 -2.78 -13.04 0.82
C LEU B 295 -3.49 -11.97 0.00
N VAL B 296 -4.49 -12.42 -0.75
CA VAL B 296 -5.33 -11.55 -1.57
C VAL B 296 -6.04 -10.59 -0.61
N ASP B 297 -6.35 -9.38 -1.08
CA ASP B 297 -7.01 -8.39 -0.24
C ASP B 297 -7.69 -7.37 -1.15
N GLY B 298 -8.98 -7.16 -0.92
CA GLY B 298 -9.75 -6.23 -1.73
C GLY B 298 -9.22 -4.81 -1.91
N CYS B 299 -8.54 -4.26 -0.91
CA CYS B 299 -8.03 -2.89 -1.08
C CYS B 299 -6.94 -2.80 -2.14
N TYR B 300 -6.22 -3.90 -2.38
CA TYR B 300 -5.17 -3.88 -3.40
C TYR B 300 -5.79 -3.80 -4.79
N SER B 301 -7.11 -3.90 -4.87
CA SER B 301 -7.80 -3.77 -6.15
C SER B 301 -7.44 -2.38 -6.67
N PHE B 302 -7.14 -1.46 -5.75
CA PHE B 302 -6.75 -0.12 -6.17
C PHE B 302 -5.24 0.10 -6.10
N TRP B 303 -4.64 -0.16 -4.94
CA TRP B 303 -3.20 0.07 -4.78
C TRP B 303 -2.37 -0.64 -5.85
N GLN B 304 -2.73 -1.88 -6.17
CA GLN B 304 -2.00 -2.65 -7.19
C GLN B 304 -2.54 -2.42 -8.59
N ALA B 305 -3.81 -2.74 -8.82
CA ALA B 305 -4.41 -2.58 -10.14
C ALA B 305 -4.30 -1.14 -10.64
N GLY B 306 -4.34 -0.19 -9.73
CA GLY B 306 -4.24 1.22 -10.10
C GLY B 306 -2.90 1.56 -10.74
N LEU B 307 -1.92 0.68 -10.56
CA LEU B 307 -0.60 0.89 -11.14
C LEU B 307 -0.62 0.69 -12.66
N LEU B 308 -1.54 -0.13 -13.16
CA LEU B 308 -1.60 -0.37 -14.60
C LEU B 308 -1.97 0.87 -15.41
N PRO B 309 -2.96 1.66 -14.95
CA PRO B 309 -3.28 2.85 -15.75
C PRO B 309 -2.08 3.82 -15.74
N LEU B 310 -1.37 3.87 -14.62
CA LEU B 310 -0.20 4.74 -14.49
C LEU B 310 0.93 4.27 -15.40
N LEU B 311 1.16 2.97 -15.45
CA LEU B 311 2.19 2.41 -16.30
C LEU B 311 1.83 2.61 -17.78
N HIS B 312 0.55 2.45 -18.09
CA HIS B 312 0.07 2.63 -19.46
C HIS B 312 0.40 4.04 -19.95
N ARG B 313 0.09 5.02 -19.11
CA ARG B 313 0.35 6.43 -19.41
C ARG B 313 1.85 6.68 -19.52
N ALA B 314 2.61 6.08 -18.62
CA ALA B 314 4.06 6.26 -18.62
C ALA B 314 4.67 5.71 -19.92
N LEU B 315 4.31 4.48 -20.26
CA LEU B 315 4.82 3.85 -21.47
C LEU B 315 4.33 4.56 -22.73
N HIS B 316 3.08 5.00 -22.69
CA HIS B 316 2.49 5.70 -23.83
C HIS B 316 3.21 7.01 -24.13
N ALA B 317 3.69 7.67 -23.08
CA ALA B 317 4.41 8.93 -23.22
C ALA B 317 5.75 8.66 -23.92
N GLN B 318 6.24 7.44 -23.78
CA GLN B 318 7.50 7.03 -24.40
C GLN B 318 7.30 6.51 -25.82
N GLY B 319 6.04 6.48 -26.26
CA GLY B 319 5.75 6.01 -27.60
C GLY B 319 5.77 4.50 -27.80
N ASP B 320 5.48 3.75 -26.74
CA ASP B 320 5.45 2.29 -26.82
C ASP B 320 4.40 1.87 -27.85
N PRO B 321 4.83 1.31 -28.99
CA PRO B 321 3.91 0.88 -30.05
C PRO B 321 3.15 -0.43 -29.77
N ALA B 322 3.48 -1.11 -28.67
CA ALA B 322 2.83 -2.37 -28.35
C ALA B 322 1.67 -2.25 -27.36
N LEU B 323 1.48 -1.07 -26.79
CA LEU B 323 0.40 -0.86 -25.81
C LEU B 323 -0.99 -1.14 -26.36
N SER B 324 -1.85 -1.71 -25.52
CA SER B 324 -3.21 -2.00 -25.90
C SER B 324 -4.00 -0.70 -26.04
N MET B 325 -5.02 -0.71 -26.88
CA MET B 325 -5.85 0.47 -27.07
C MET B 325 -7.23 0.23 -26.46
N SER B 326 -7.39 -0.86 -25.72
CA SER B 326 -8.68 -1.18 -25.13
C SER B 326 -8.69 -1.78 -23.72
N HIS B 327 -7.55 -2.29 -23.26
CA HIS B 327 -7.49 -2.90 -21.92
C HIS B 327 -6.25 -2.54 -21.12
N TRP B 328 -6.38 -2.63 -19.79
CA TRP B 328 -5.26 -2.37 -18.89
C TRP B 328 -4.53 -3.71 -18.91
N MET B 329 -3.26 -3.73 -18.49
CA MET B 329 -2.52 -4.98 -18.50
C MET B 329 -2.68 -5.85 -17.26
N PHE B 330 -3.92 -6.14 -16.91
CA PHE B 330 -4.24 -7.05 -15.82
C PHE B 330 -5.60 -7.63 -16.19
N HIS B 331 -6.02 -8.70 -15.51
CA HIS B 331 -7.29 -9.32 -15.86
C HIS B 331 -8.43 -8.53 -15.27
N GLN B 332 -8.99 -7.62 -16.06
CA GLN B 332 -10.07 -6.77 -15.61
C GLN B 332 -11.32 -7.54 -15.15
N GLN B 333 -11.69 -8.59 -15.89
CA GLN B 333 -12.87 -9.36 -15.52
C GLN B 333 -12.65 -10.11 -14.21
N ALA B 334 -11.51 -10.78 -14.09
CA ALA B 334 -11.23 -11.54 -12.87
C ALA B 334 -11.26 -10.66 -11.62
N LEU B 335 -10.74 -9.43 -11.72
CA LEU B 335 -10.73 -8.54 -10.56
C LEU B 335 -12.16 -8.16 -10.18
N GLN B 336 -12.99 -7.89 -11.18
CA GLN B 336 -14.37 -7.53 -10.91
C GLN B 336 -15.10 -8.70 -10.24
N GLU B 337 -14.77 -9.91 -10.66
CA GLU B 337 -15.39 -11.10 -10.10
C GLU B 337 -15.03 -11.25 -8.62
N TYR B 338 -13.76 -11.03 -8.29
CA TYR B 338 -13.32 -11.15 -6.89
C TYR B 338 -14.04 -10.12 -6.02
N ILE B 339 -14.06 -8.87 -6.47
CA ILE B 339 -14.70 -7.80 -5.71
C ILE B 339 -16.20 -8.03 -5.52
N LEU B 340 -16.91 -8.26 -6.63
CA LEU B 340 -18.36 -8.47 -6.57
C LEU B 340 -18.81 -9.71 -5.82
N MET B 341 -18.11 -10.84 -5.99
CA MET B 341 -18.49 -12.06 -5.30
C MET B 341 -17.91 -12.27 -3.91
N CYS B 342 -16.71 -11.76 -3.66
CA CYS B 342 -16.06 -11.98 -2.38
C CYS B 342 -15.89 -10.80 -1.43
N CYS B 343 -15.98 -9.57 -1.94
CA CYS B 343 -15.74 -8.42 -1.09
C CYS B 343 -16.92 -7.56 -0.65
N GLN B 344 -18.14 -8.03 -0.89
CA GLN B 344 -19.30 -7.25 -0.50
C GLN B 344 -19.92 -7.77 0.80
N CYS B 345 -20.16 -6.89 1.75
CA CYS B 345 -20.80 -7.30 2.99
C CYS B 345 -22.29 -7.23 2.68
N PRO B 346 -23.04 -8.31 2.94
CA PRO B 346 -24.48 -8.27 2.65
C PRO B 346 -25.22 -7.13 3.35
N ALA B 347 -24.67 -6.65 4.46
CA ALA B 347 -25.29 -5.56 5.22
C ALA B 347 -24.85 -4.19 4.72
N GLY B 348 -24.01 -4.15 3.70
CA GLY B 348 -23.52 -2.89 3.17
C GLY B 348 -22.05 -2.70 3.50
N GLY B 349 -21.31 -2.10 2.57
CA GLY B 349 -19.89 -1.90 2.78
C GLY B 349 -19.10 -3.02 2.12
N LEU B 350 -17.80 -2.79 1.91
CA LEU B 350 -16.97 -3.83 1.31
C LEU B 350 -15.80 -4.19 2.20
N LEU B 351 -15.05 -5.21 1.80
CA LEU B 351 -13.97 -5.65 2.66
C LEU B 351 -12.76 -6.31 2.01
N ASP B 352 -11.84 -6.68 2.90
CA ASP B 352 -10.57 -7.34 2.58
C ASP B 352 -10.81 -8.66 1.84
N LYS B 353 -11.45 -9.59 2.52
CA LYS B 353 -11.74 -10.90 1.95
C LYS B 353 -12.89 -11.51 2.74
N PRO B 354 -13.48 -12.60 2.24
CA PRO B 354 -14.59 -13.25 2.95
C PRO B 354 -14.21 -13.61 4.39
N GLY B 355 -15.09 -13.31 5.33
CA GLY B 355 -14.79 -13.63 6.72
C GLY B 355 -14.32 -12.43 7.52
N LYS B 356 -13.89 -11.38 6.82
CA LYS B 356 -13.42 -10.17 7.49
C LYS B 356 -14.61 -9.23 7.68
N SER B 357 -14.48 -8.27 8.59
CA SER B 357 -15.57 -7.34 8.81
C SER B 357 -15.40 -6.12 7.92
N ARG B 358 -16.51 -5.47 7.59
CA ARG B 358 -16.47 -4.28 6.75
C ARG B 358 -15.82 -3.10 7.48
N ASP B 359 -15.36 -2.13 6.71
CA ASP B 359 -14.77 -0.91 7.23
C ASP B 359 -14.77 0.07 6.09
N PHE B 360 -14.74 1.36 6.39
CA PHE B 360 -14.78 2.38 5.36
C PHE B 360 -13.57 2.45 4.43
N TYR B 361 -12.42 2.01 4.92
CA TYR B 361 -11.19 2.01 4.14
C TYR B 361 -11.35 1.00 2.98
N HIS B 362 -11.71 -0.24 3.30
CA HIS B 362 -11.87 -1.25 2.27
C HIS B 362 -13.07 -0.94 1.37
N THR B 363 -14.05 -0.23 1.91
CA THR B 363 -15.21 0.13 1.10
C THR B 363 -14.72 1.08 0.02
N CYS B 364 -13.89 2.05 0.41
CA CYS B 364 -13.35 3.02 -0.53
C CYS B 364 -12.48 2.37 -1.62
N TYR B 365 -11.48 1.59 -1.21
CA TYR B 365 -10.58 1.00 -2.18
C TYR B 365 -11.12 -0.16 -3.01
N CYS B 366 -12.10 -0.91 -2.49
CA CYS B 366 -12.68 -1.98 -3.29
C CYS B 366 -13.46 -1.33 -4.43
N LEU B 367 -14.19 -0.27 -4.12
CA LEU B 367 -14.97 0.42 -5.16
C LEU B 367 -14.06 1.15 -6.13
N SER B 368 -12.98 1.76 -5.62
CA SER B 368 -12.04 2.46 -6.49
C SER B 368 -11.41 1.50 -7.47
N GLY B 369 -11.08 0.30 -6.98
CA GLY B 369 -10.47 -0.70 -7.84
C GLY B 369 -11.46 -1.23 -8.86
N LEU B 370 -12.73 -1.38 -8.44
CA LEU B 370 -13.77 -1.86 -9.34
C LEU B 370 -13.93 -0.88 -10.50
N SER B 371 -13.88 0.42 -10.19
CA SER B 371 -14.02 1.45 -11.21
C SER B 371 -12.86 1.40 -12.21
N ILE B 372 -11.65 1.22 -11.70
CA ILE B 372 -10.50 1.14 -12.59
C ILE B 372 -10.63 -0.09 -13.49
N ALA B 373 -11.14 -1.18 -12.93
CA ALA B 373 -11.31 -2.41 -13.69
C ALA B 373 -12.38 -2.30 -14.77
N GLN B 374 -13.36 -1.42 -14.55
CA GLN B 374 -14.44 -1.25 -15.51
C GLN B 374 -14.12 -0.27 -16.64
N HIS B 375 -13.24 0.69 -16.38
CA HIS B 375 -12.95 1.72 -17.37
C HIS B 375 -11.53 1.88 -17.89
N PHE B 376 -11.38 1.72 -19.20
CA PHE B 376 -10.09 1.92 -19.85
C PHE B 376 -10.19 3.23 -20.61
N GLY B 377 -9.14 4.02 -20.56
CA GLY B 377 -9.13 5.28 -21.27
C GLY B 377 -7.72 5.68 -21.62
N SER B 378 -7.48 5.98 -22.89
CA SER B 378 -6.17 6.37 -23.37
C SER B 378 -6.35 7.24 -24.62
N GLY B 379 -6.04 8.52 -24.50
CA GLY B 379 -6.22 9.41 -25.62
C GLY B 379 -7.69 9.56 -25.91
N ALA B 380 -8.10 9.26 -27.15
CA ALA B 380 -9.50 9.34 -27.53
C ALA B 380 -10.16 7.99 -27.34
N MET B 381 -9.35 6.96 -27.10
CA MET B 381 -9.85 5.60 -26.92
C MET B 381 -10.46 5.37 -25.54
N LEU B 382 -11.69 4.87 -25.53
CA LEU B 382 -12.39 4.57 -24.30
C LEU B 382 -13.07 3.21 -24.48
N HIS B 383 -12.81 2.29 -23.55
CA HIS B 383 -13.41 0.96 -23.64
C HIS B 383 -13.84 0.47 -22.26
N ASP B 384 -15.14 0.30 -22.08
CA ASP B 384 -15.68 -0.15 -20.80
C ASP B 384 -16.00 -1.64 -20.78
N VAL B 385 -15.78 -2.23 -19.61
CA VAL B 385 -16.05 -3.65 -19.38
C VAL B 385 -16.77 -3.73 -18.04
N VAL B 386 -18.10 -3.61 -18.06
CA VAL B 386 -18.87 -3.65 -16.84
C VAL B 386 -19.49 -5.03 -16.66
N LEU B 387 -18.92 -5.80 -15.75
CA LEU B 387 -19.40 -7.14 -15.46
C LEU B 387 -20.70 -7.06 -14.67
N GLY B 388 -21.63 -7.96 -14.96
CA GLY B 388 -22.90 -8.00 -14.25
C GLY B 388 -23.97 -7.09 -14.82
N VAL B 389 -24.95 -6.74 -14.00
CA VAL B 389 -26.03 -5.85 -14.44
C VAL B 389 -25.41 -4.49 -14.77
N PRO B 390 -25.97 -3.79 -15.77
CA PRO B 390 -25.48 -2.47 -16.20
C PRO B 390 -25.34 -1.44 -15.08
N GLU B 391 -26.21 -1.52 -14.09
CA GLU B 391 -26.17 -0.57 -12.97
C GLU B 391 -24.89 -0.67 -12.16
N ASN B 392 -24.09 -1.70 -12.41
CA ASN B 392 -22.83 -1.87 -11.67
C ASN B 392 -21.81 -0.81 -12.03
N ALA B 393 -21.97 -0.19 -13.20
CA ALA B 393 -21.03 0.82 -13.67
C ALA B 393 -20.86 1.97 -12.67
N LEU B 394 -19.61 2.17 -12.24
CA LEU B 394 -19.30 3.24 -11.30
C LEU B 394 -18.74 4.44 -12.05
N GLN B 395 -18.66 5.56 -11.34
CA GLN B 395 -18.10 6.76 -11.93
C GLN B 395 -16.60 6.52 -12.01
N PRO B 396 -15.94 7.08 -13.03
CA PRO B 396 -14.49 6.89 -13.17
C PRO B 396 -13.71 7.57 -12.05
N THR B 397 -12.49 7.11 -11.82
CA THR B 397 -11.64 7.71 -10.80
C THR B 397 -10.27 8.01 -11.43
N HIS B 398 -9.64 9.08 -10.98
CA HIS B 398 -8.33 9.46 -11.50
C HIS B 398 -7.30 8.52 -10.86
N PRO B 399 -6.48 7.86 -11.70
CA PRO B 399 -5.47 6.92 -11.18
C PRO B 399 -4.37 7.49 -10.29
N VAL B 400 -4.11 8.80 -10.41
CA VAL B 400 -3.09 9.43 -9.59
C VAL B 400 -3.63 9.87 -8.21
N TYR B 401 -4.70 10.65 -8.21
CA TYR B 401 -5.28 11.16 -6.96
C TYR B 401 -6.39 10.34 -6.32
N ASN B 402 -7.01 9.47 -7.12
CA ASN B 402 -8.13 8.65 -6.67
C ASN B 402 -9.32 9.46 -6.18
N ILE B 403 -9.75 10.39 -7.03
CA ILE B 403 -10.94 11.20 -6.84
C ILE B 403 -11.41 11.32 -8.29
N GLY B 404 -12.67 11.69 -8.52
CA GLY B 404 -13.16 11.80 -9.89
C GLY B 404 -12.28 12.67 -10.77
N PRO B 405 -12.02 12.27 -12.03
CA PRO B 405 -11.18 13.09 -12.90
C PRO B 405 -11.78 14.48 -13.13
N ASP B 406 -13.10 14.58 -13.01
CA ASP B 406 -13.77 15.85 -13.16
C ASP B 406 -13.38 16.74 -11.99
N LYS B 407 -13.27 16.15 -10.80
CA LYS B 407 -12.89 16.89 -9.61
C LYS B 407 -11.43 17.35 -9.69
N VAL B 408 -10.57 16.53 -10.28
CA VAL B 408 -9.16 16.88 -10.44
C VAL B 408 -9.02 18.10 -11.35
N ILE B 409 -9.71 18.07 -12.49
CA ILE B 409 -9.66 19.16 -13.45
C ILE B 409 -10.19 20.46 -12.86
N GLN B 410 -11.33 20.39 -12.19
CA GLN B 410 -11.93 21.56 -11.59
C GLN B 410 -11.05 22.16 -10.48
N ALA B 411 -10.44 21.31 -9.66
CA ALA B 411 -9.58 21.79 -8.59
C ALA B 411 -8.30 22.42 -9.14
N THR B 412 -7.59 21.70 -10.00
CA THR B 412 -6.34 22.24 -10.55
C THR B 412 -6.58 23.53 -11.32
N THR B 413 -7.72 23.61 -12.01
CA THR B 413 -8.04 24.81 -12.77
C THR B 413 -8.27 25.99 -11.83
N TYR B 414 -8.94 25.73 -10.73
CA TYR B 414 -9.24 26.76 -9.75
C TYR B 414 -7.97 27.29 -9.09
N PHE B 415 -7.14 26.38 -8.59
CA PHE B 415 -5.91 26.76 -7.92
C PHE B 415 -4.82 27.32 -8.83
N LEU B 416 -4.84 26.92 -10.10
CA LEU B 416 -3.85 27.43 -11.05
C LEU B 416 -4.04 28.93 -11.27
N GLN B 417 -5.21 29.43 -10.89
CA GLN B 417 -5.50 30.85 -11.03
C GLN B 417 -4.95 31.63 -9.84
N LYS B 418 -4.35 30.91 -8.89
CA LYS B 418 -3.76 31.54 -7.72
C LYS B 418 -2.25 31.42 -7.86
N PRO B 419 -1.50 32.34 -7.26
CA PRO B 419 -0.04 32.25 -7.37
C PRO B 419 0.51 31.24 -6.38
N VAL B 420 1.73 30.76 -6.66
CA VAL B 420 2.39 29.83 -5.76
C VAL B 420 2.80 30.75 -4.59
N PRO B 421 2.38 30.41 -3.36
CA PRO B 421 2.67 31.18 -2.15
C PRO B 421 4.07 31.79 -2.01
N GLY B 422 4.14 33.11 -2.20
CA GLY B 422 5.39 33.82 -2.07
C GLY B 422 6.47 33.45 -3.08
N PHE B 423 6.06 32.91 -4.21
CA PHE B 423 7.01 32.50 -5.24
C PHE B 423 6.58 32.92 -6.63
N GLU B 424 7.54 33.37 -7.44
CA GLU B 424 7.26 33.79 -8.81
C GLU B 424 8.35 33.30 -9.75
#